data_274D
# 
_entry.id   274D 
# 
_audit_conform.dict_name       mmcif_pdbx.dic 
_audit_conform.dict_version    5.387 
_audit_conform.dict_location   http://mmcif.pdb.org/dictionaries/ascii/mmcif_pdbx.dic 
# 
loop_
_database_2.database_id 
_database_2.database_code 
_database_2.pdbx_database_accession 
_database_2.pdbx_DOI 
PDB   274D         pdb_0000274d 10.2210/pdb274d/pdb 
RCSB  GDJB29       ?            ?                   
WWPDB D_1000177686 ?            ?                   
# 
loop_
_pdbx_audit_revision_history.ordinal 
_pdbx_audit_revision_history.data_content_type 
_pdbx_audit_revision_history.major_revision 
_pdbx_audit_revision_history.minor_revision 
_pdbx_audit_revision_history.revision_date 
1 'Structure model' 1 0 1994-10-21 
2 'Structure model' 1 1 2008-05-22 
3 'Structure model' 1 2 2011-07-13 
4 'Structure model' 1 3 2024-02-14 
# 
_pdbx_audit_revision_details.ordinal             1 
_pdbx_audit_revision_details.revision_ordinal    1 
_pdbx_audit_revision_details.data_content_type   'Structure model' 
_pdbx_audit_revision_details.provider            repository 
_pdbx_audit_revision_details.type                'Initial release' 
_pdbx_audit_revision_details.description         ? 
_pdbx_audit_revision_details.details             ? 
# 
loop_
_pdbx_audit_revision_group.ordinal 
_pdbx_audit_revision_group.revision_ordinal 
_pdbx_audit_revision_group.data_content_type 
_pdbx_audit_revision_group.group 
1 2 'Structure model' 'Version format compliance' 
2 3 'Structure model' 'Version format compliance' 
3 4 'Structure model' 'Data collection'           
4 4 'Structure model' 'Database references'       
5 4 'Structure model' 'Derived calculations'      
# 
loop_
_pdbx_audit_revision_category.ordinal 
_pdbx_audit_revision_category.revision_ordinal 
_pdbx_audit_revision_category.data_content_type 
_pdbx_audit_revision_category.category 
1 4 'Structure model' chem_comp_atom 
2 4 'Structure model' chem_comp_bond 
3 4 'Structure model' database_2     
4 4 'Structure model' struct_conn    
5 4 'Structure model' struct_site    
# 
loop_
_pdbx_audit_revision_item.ordinal 
_pdbx_audit_revision_item.revision_ordinal 
_pdbx_audit_revision_item.data_content_type 
_pdbx_audit_revision_item.item 
1  4 'Structure model' '_database_2.pdbx_DOI'                
2  4 'Structure model' '_database_2.pdbx_database_accession' 
3  4 'Structure model' '_struct_conn.pdbx_leaving_atom_flag' 
4  4 'Structure model' '_struct_conn.ptnr1_auth_comp_id'     
5  4 'Structure model' '_struct_conn.ptnr1_auth_seq_id'      
6  4 'Structure model' '_struct_conn.ptnr1_label_asym_id'    
7  4 'Structure model' '_struct_conn.ptnr1_label_atom_id'    
8  4 'Structure model' '_struct_conn.ptnr1_label_comp_id'    
9  4 'Structure model' '_struct_conn.ptnr1_label_seq_id'     
10 4 'Structure model' '_struct_conn.ptnr2_auth_comp_id'     
11 4 'Structure model' '_struct_conn.ptnr2_auth_seq_id'      
12 4 'Structure model' '_struct_conn.ptnr2_label_asym_id'    
13 4 'Structure model' '_struct_conn.ptnr2_label_atom_id'    
14 4 'Structure model' '_struct_conn.ptnr2_label_comp_id'    
15 4 'Structure model' '_struct_conn.ptnr2_label_seq_id'     
16 4 'Structure model' '_struct_site.pdbx_auth_asym_id'      
17 4 'Structure model' '_struct_site.pdbx_auth_comp_id'      
18 4 'Structure model' '_struct_site.pdbx_auth_seq_id'       
# 
_pdbx_database_status.status_code                     REL 
_pdbx_database_status.entry_id                        274D 
_pdbx_database_status.recvd_initial_deposition_date   1994-04-28 
_pdbx_database_status.deposit_site                    BNL 
_pdbx_database_status.process_site                    NDB 
_pdbx_database_status.SG_entry                        . 
_pdbx_database_status.status_code_sf                  ? 
_pdbx_database_status.status_code_mr                  ? 
_pdbx_database_status.pdb_format_compatible           Y 
_pdbx_database_status.status_code_cs                  ? 
_pdbx_database_status.status_code_nmr_data            ? 
_pdbx_database_status.methods_development_category    ? 
# 
loop_
_audit_author.name 
_audit_author.pdbx_ordinal 
'Kopka, M.L.'     1 
'Goodsell, D.S.'  2 
'Baikalov, I.'    3 
'Grzeskowiak, K.' 4 
'Cascio, D.'      5 
'Dickerson, R.E.' 6 
# 
_citation.id                        primary 
_citation.title                     
;Crystal structure of a covalent DNA-drug adduct: anthramycin bound to C-C-A-A-C-G-T-T-G-G and a molecular explanation of specificity.
;
_citation.journal_abbrev            Biochemistry 
_citation.journal_volume            33 
_citation.page_first                13593 
_citation.page_last                 13610 
_citation.year                      1994 
_citation.journal_id_ASTM           BICHAW 
_citation.country                   US 
_citation.journal_id_ISSN           0006-2960 
_citation.journal_id_CSD            0033 
_citation.book_publisher            ? 
_citation.pdbx_database_id_PubMed   7947769 
_citation.pdbx_database_id_DOI      10.1021/bi00250a011 
# 
loop_
_citation_author.citation_id 
_citation_author.name 
_citation_author.ordinal 
_citation_author.identifier_ORCID 
primary 'Kopka, M.L.'     1 ? 
primary 'Goodsell, D.S.'  2 ? 
primary 'Baikalov, I.'    3 ? 
primary 'Grzeskowiak, K.' 4 ? 
primary 'Cascio, D.'      5 ? 
primary 'Dickerson, R.E.' 6 ? 
# 
loop_
_entity.id 
_entity.type 
_entity.src_method 
_entity.pdbx_description 
_entity.formula_weight 
_entity.pdbx_number_of_molecules 
_entity.pdbx_ec 
_entity.pdbx_mutation 
_entity.pdbx_fragment 
_entity.details 
1 polymer     syn 
;DNA (5'-D(*CP*CP*AP*AP*CP*GP*TP*TP*(DRUG)GP*G)-3')
;
3045.004 1  ? ? ? ? 
2 non-polymer syn ANTHRAMYCIN                                          315.324  1  ? ? ? ? 
3 water       nat water                                                18.015   22 ? ? ? ? 
# 
_entity_poly.entity_id                      1 
_entity_poly.type                           polydeoxyribonucleotide 
_entity_poly.nstd_linkage                   no 
_entity_poly.nstd_monomer                   no 
_entity_poly.pdbx_seq_one_letter_code       '(DC)(DC)(DA)(DA)(DC)(DG)(DT)(DT)(DG)(DG)' 
_entity_poly.pdbx_seq_one_letter_code_can   CCAACGTTGG 
_entity_poly.pdbx_strand_id                 A 
_entity_poly.pdbx_target_identifier         ? 
# 
loop_
_pdbx_entity_nonpoly.entity_id 
_pdbx_entity_nonpoly.name 
_pdbx_entity_nonpoly.comp_id 
2 ANTHRAMYCIN ANT 
3 water       HOH 
# 
loop_
_entity_poly_seq.entity_id 
_entity_poly_seq.num 
_entity_poly_seq.mon_id 
_entity_poly_seq.hetero 
1 1  DC n 
1 2  DC n 
1 3  DA n 
1 4  DA n 
1 5  DC n 
1 6  DG n 
1 7  DT n 
1 8  DT n 
1 9  DG n 
1 10 DG n 
# 
loop_
_chem_comp.id 
_chem_comp.type 
_chem_comp.mon_nstd_flag 
_chem_comp.name 
_chem_comp.pdbx_synonyms 
_chem_comp.formula 
_chem_comp.formula_weight 
ANT non-polymer   . ANTHRAMYCIN                          ? 'C16 H17 N3 O4'   315.324 
DA  'DNA linking' y "2'-DEOXYADENOSINE-5'-MONOPHOSPHATE" ? 'C10 H14 N5 O6 P' 331.222 
DC  'DNA linking' y "2'-DEOXYCYTIDINE-5'-MONOPHOSPHATE"  ? 'C9 H14 N3 O7 P'  307.197 
DG  'DNA linking' y "2'-DEOXYGUANOSINE-5'-MONOPHOSPHATE" ? 'C10 H14 N5 O7 P' 347.221 
DT  'DNA linking' y "THYMIDINE-5'-MONOPHOSPHATE"         ? 'C10 H15 N2 O8 P' 322.208 
HOH non-polymer   . WATER                                ? 'H2 O'            18.015  
# 
loop_
_pdbx_poly_seq_scheme.asym_id 
_pdbx_poly_seq_scheme.entity_id 
_pdbx_poly_seq_scheme.seq_id 
_pdbx_poly_seq_scheme.mon_id 
_pdbx_poly_seq_scheme.ndb_seq_num 
_pdbx_poly_seq_scheme.pdb_seq_num 
_pdbx_poly_seq_scheme.auth_seq_num 
_pdbx_poly_seq_scheme.pdb_mon_id 
_pdbx_poly_seq_scheme.auth_mon_id 
_pdbx_poly_seq_scheme.pdb_strand_id 
_pdbx_poly_seq_scheme.pdb_ins_code 
_pdbx_poly_seq_scheme.hetero 
A 1 1  DC 1  1  1  DC C  A . n 
A 1 2  DC 2  2  2  DC C  A . n 
A 1 3  DA 3  3  3  DA A  A . n 
A 1 4  DA 4  4  4  DA A  A . n 
A 1 5  DC 5  5  5  DC C  A . n 
A 1 6  DG 6  6  6  DG G  A . n 
A 1 7  DT 7  7  7  DT T  A . n 
A 1 8  DT 8  8  8  DT T  A . n 
A 1 9  DG 9  9  9  DG +G A . n 
A 1 10 DG 10 10 10 DG G  A . n 
# 
loop_
_pdbx_nonpoly_scheme.asym_id 
_pdbx_nonpoly_scheme.entity_id 
_pdbx_nonpoly_scheme.mon_id 
_pdbx_nonpoly_scheme.ndb_seq_num 
_pdbx_nonpoly_scheme.pdb_seq_num 
_pdbx_nonpoly_scheme.auth_seq_num 
_pdbx_nonpoly_scheme.pdb_mon_id 
_pdbx_nonpoly_scheme.auth_mon_id 
_pdbx_nonpoly_scheme.pdb_strand_id 
_pdbx_nonpoly_scheme.pdb_ins_code 
B 2 ANT 1  11 11 ANT ANT A . 
C 3 HOH 1  12 12 HOH HOH A . 
C 3 HOH 2  13 13 HOH HOH A . 
C 3 HOH 3  14 14 HOH HOH A . 
C 3 HOH 4  15 15 HOH HOH A . 
C 3 HOH 5  16 16 HOH HOH A . 
C 3 HOH 6  17 17 HOH HOH A . 
C 3 HOH 7  18 18 HOH HOH A . 
C 3 HOH 8  19 19 HOH HOH A . 
C 3 HOH 9  20 20 HOH HOH A . 
C 3 HOH 10 21 21 HOH HOH A . 
C 3 HOH 11 22 22 HOH HOH A . 
C 3 HOH 12 23 23 HOH HOH A . 
C 3 HOH 13 24 24 HOH HOH A . 
C 3 HOH 14 25 25 HOH HOH A . 
C 3 HOH 15 26 26 HOH HOH A . 
C 3 HOH 16 27 27 HOH HOH A . 
C 3 HOH 17 28 28 HOH HOH A . 
C 3 HOH 18 29 29 HOH HOH A . 
C 3 HOH 19 30 30 HOH HOH A . 
C 3 HOH 20 31 31 HOH HOH A . 
C 3 HOH 21 32 32 HOH HOH A . 
C 3 HOH 22 33 33 HOH HOH A . 
# 
_software.name             NUCLSQ 
_software.classification   refinement 
_software.version          . 
_software.citation_id      ? 
_software.pdbx_ordinal     1 
# 
_cell.entry_id           274D 
_cell.length_a           23.950 
_cell.length_b           23.950 
_cell.length_c           88.890 
_cell.angle_alpha        90.00 
_cell.angle_beta         90.00 
_cell.angle_gamma        120.00 
_cell.Z_PDB              6 
_cell.pdbx_unique_axis   ? 
_cell.length_a_esd       ? 
_cell.length_b_esd       ? 
_cell.length_c_esd       ? 
_cell.angle_alpha_esd    ? 
_cell.angle_beta_esd     ? 
_cell.angle_gamma_esd    ? 
# 
_symmetry.entry_id                         274D 
_symmetry.space_group_name_H-M             'P 32 2 1' 
_symmetry.pdbx_full_space_group_name_H-M   ? 
_symmetry.cell_setting                     ? 
_symmetry.Int_Tables_number                154 
_symmetry.space_group_name_Hall            ? 
# 
_exptl.entry_id          274D 
_exptl.method            'X-RAY DIFFRACTION' 
_exptl.crystals_number   ? 
# 
_exptl_crystal.id                    1 
_exptl_crystal.density_meas          ? 
_exptl_crystal.density_percent_sol   49.11 
_exptl_crystal.density_Matthews      2.42 
_exptl_crystal.description           ? 
_exptl_crystal.F_000                 ? 
_exptl_crystal.preparation           ? 
# 
_exptl_crystal_grow.crystal_id      1 
_exptl_crystal_grow.method          'VAPOR DIFFUSION, SITTING DROP' 
_exptl_crystal_grow.temp            277.00 
_exptl_crystal_grow.temp_details    ? 
_exptl_crystal_grow.pH              ? 
_exptl_crystal_grow.pdbx_details    'VAPOR DIFFUSION, SITTING DROP, temperature 277.00K' 
_exptl_crystal_grow.pdbx_pH_range   ? 
# 
loop_
_exptl_crystal_grow_comp.crystal_id 
_exptl_crystal_grow_comp.id 
_exptl_crystal_grow_comp.sol_id 
_exptl_crystal_grow_comp.name 
_exptl_crystal_grow_comp.volume 
_exptl_crystal_grow_comp.conc 
_exptl_crystal_grow_comp.details 
1 1 1 WATER    ? ? ? 
1 2 1 METHANOL ? ? ? 
1 3 1 MPD      ? ? ? 
1 4 1 MGCL2    ? ? ? 
1 5 2 WATER    ? ? ? 
1 6 2 MPD      ? ? ? 
# 
_diffrn.id                     1 
_diffrn.crystal_id             1 
_diffrn.ambient_temp           ? 
_diffrn.ambient_temp_details   ? 
# 
_diffrn_detector.diffrn_id              1 
_diffrn_detector.detector               'IMAGE PLATE' 
_diffrn_detector.type                   'RIGAKU RAXIS II' 
_diffrn_detector.pdbx_collection_date   ? 
_diffrn_detector.details                ? 
# 
_diffrn_radiation.diffrn_id                        1 
_diffrn_radiation.wavelength_id                    1 
_diffrn_radiation.monochromator                    ? 
_diffrn_radiation.pdbx_monochromatic_or_laue_m_l   ? 
_diffrn_radiation.pdbx_diffrn_protocol             ? 
_diffrn_radiation.pdbx_scattering_type             x-ray 
# 
_diffrn_radiation_wavelength.id           1 
_diffrn_radiation_wavelength.wavelength   . 
_diffrn_radiation_wavelength.wt           1.0 
# 
_diffrn_source.diffrn_id                   1 
_diffrn_source.source                      ? 
_diffrn_source.type                        ? 
_diffrn_source.pdbx_synchrotron_site       ? 
_diffrn_source.pdbx_synchrotron_beamline   ? 
_diffrn_source.pdbx_wavelength             ? 
_diffrn_source.pdbx_wavelength_list        ? 
# 
_reflns.entry_id                     274D 
_reflns.observed_criterion_sigma_I   ? 
_reflns.observed_criterion_sigma_F   2.000 
_reflns.d_resolution_low             ? 
_reflns.d_resolution_high            2.300 
_reflns.number_obs                   1212 
_reflns.number_all                   ? 
_reflns.percent_possible_obs         ? 
_reflns.pdbx_Rmerge_I_obs            ? 
_reflns.pdbx_Rsym_value              ? 
_reflns.pdbx_netI_over_sigmaI        ? 
_reflns.B_iso_Wilson_estimate        ? 
_reflns.pdbx_redundancy              ? 
_reflns.R_free_details               ? 
_reflns.pdbx_chi_squared             ? 
_reflns.pdbx_scaling_rejects         ? 
_reflns.pdbx_diffrn_id               1 
_reflns.pdbx_ordinal                 1 
# 
_refine.entry_id                                 274D 
_refine.ls_number_reflns_obs                     1212 
_refine.ls_number_reflns_all                     ? 
_refine.pdbx_ls_sigma_I                          ? 
_refine.pdbx_ls_sigma_F                          2.000 
_refine.pdbx_data_cutoff_high_absF               ? 
_refine.pdbx_data_cutoff_low_absF                ? 
_refine.pdbx_data_cutoff_high_rms_absF           ? 
_refine.ls_d_res_low                             8.000 
_refine.ls_d_res_high                            2.300 
_refine.ls_percent_reflns_obs                    90.000 
_refine.ls_R_factor_obs                          0.2120000 
_refine.ls_R_factor_all                          ? 
_refine.ls_R_factor_R_work                       ? 
_refine.ls_R_factor_R_free                       ? 
_refine.ls_R_factor_R_free_error                 ? 
_refine.ls_R_factor_R_free_error_details         ? 
_refine.ls_percent_reflns_R_free                 ? 
_refine.ls_number_reflns_R_free                  ? 
_refine.ls_number_parameters                     ? 
_refine.ls_number_restraints                     ? 
_refine.occupancy_min                            ? 
_refine.occupancy_max                            ? 
_refine.B_iso_mean                               ? 
_refine.aniso_B[1][1]                            ? 
_refine.aniso_B[2][2]                            ? 
_refine.aniso_B[3][3]                            ? 
_refine.aniso_B[1][2]                            ? 
_refine.aniso_B[1][3]                            ? 
_refine.aniso_B[2][3]                            ? 
_refine.solvent_model_details                    ? 
_refine.solvent_model_param_ksol                 ? 
_refine.solvent_model_param_bsol                 ? 
_refine.pdbx_ls_cross_valid_method               ? 
_refine.details                                  ? 
_refine.pdbx_starting_model                      ? 
_refine.pdbx_method_to_determine_struct          ? 
_refine.pdbx_isotropic_thermal_model             ? 
_refine.pdbx_stereochemistry_target_values       ? 
_refine.pdbx_stereochem_target_val_spec_case     ? 
_refine.pdbx_R_Free_selection_details            ? 
_refine.pdbx_overall_ESU_R                       ? 
_refine.pdbx_overall_ESU_R_Free                  ? 
_refine.overall_SU_ML                            ? 
_refine.overall_SU_B                             ? 
_refine.ls_redundancy_reflns_obs                 ? 
_refine.pdbx_overall_phase_error                 ? 
_refine.correlation_coeff_Fo_to_Fc               ? 
_refine.correlation_coeff_Fo_to_Fc_free          ? 
_refine.pdbx_solvent_vdw_probe_radii             ? 
_refine.pdbx_solvent_ion_probe_radii             ? 
_refine.pdbx_solvent_shrinkage_radii             ? 
_refine.overall_SU_R_Cruickshank_DPI             ? 
_refine.overall_SU_R_free                        ? 
_refine.ls_wR_factor_R_free                      ? 
_refine.ls_wR_factor_R_work                      ? 
_refine.overall_FOM_free_R_set                   ? 
_refine.overall_FOM_work_R_set                   ? 
_refine.pdbx_refine_id                           'X-RAY DIFFRACTION' 
_refine.pdbx_diffrn_id                           1 
_refine.pdbx_TLS_residual_ADP_flag               ? 
_refine.pdbx_overall_SU_R_free_Cruickshank_DPI   ? 
_refine.pdbx_overall_SU_R_Blow_DPI               ? 
_refine.pdbx_overall_SU_R_free_Blow_DPI          ? 
# 
_refine_hist.pdbx_refine_id                   'X-RAY DIFFRACTION' 
_refine_hist.cycle_id                         LAST 
_refine_hist.pdbx_number_atoms_protein        0 
_refine_hist.pdbx_number_atoms_nucleic_acid   202 
_refine_hist.pdbx_number_atoms_ligand         22 
_refine_hist.number_atoms_solvent             22 
_refine_hist.number_atoms_total               246 
_refine_hist.d_res_high                       2.300 
_refine_hist.d_res_low                        8.000 
# 
loop_
_refine_ls_restr.type 
_refine_ls_restr.dev_ideal 
_refine_ls_restr.dev_ideal_target 
_refine_ls_restr.weight 
_refine_ls_restr.number 
_refine_ls_restr.pdbx_refine_id 
_refine_ls_restr.pdbx_restraint_function 
n_bond_d               ?     ?     ? ? 'X-RAY DIFFRACTION' ? 
n_angle_d              ?     ?     ? ? 'X-RAY DIFFRACTION' ? 
n_planar_d             ?     ?     ? ? 'X-RAY DIFFRACTION' ? 
n_hb_or_metal_coord    ?     ?     ? ? 'X-RAY DIFFRACTION' ? 
n_sugar_bond_it        5.102 6.000 ? ? 'X-RAY DIFFRACTION' ? 
n_sugar_angle_it       6.534 6.000 ? ? 'X-RAY DIFFRACTION' ? 
n_phos_bond_it         6.213 6.000 ? ? 'X-RAY DIFFRACTION' ? 
n_phos_angle_it        6.743 6.000 ? ? 'X-RAY DIFFRACTION' ? 
n_bond_angle_restr     ?     ?     ? ? 'X-RAY DIFFRACTION' ? 
n_dihedral_angle_restr ?     ?     ? ? 'X-RAY DIFFRACTION' ? 
n_impr_tor             ?     ?     ? ? 'X-RAY DIFFRACTION' ? 
n_sugar_bond_d         0.030 0.030 ? ? 'X-RAY DIFFRACTION' ? 
n_sugar_bond_angle_d   0.058 0.040 ? ? 'X-RAY DIFFRACTION' ? 
n_phos_bond_d          0.032 0.030 ? ? 'X-RAY DIFFRACTION' ? 
n_phos_bond_angle_d    0.061 0.040 ? ? 'X-RAY DIFFRACTION' ? 
n_plane_restr          0.018 0.020 ? ? 'X-RAY DIFFRACTION' ? 
n_chiral_restr         0.207 0.150 ? ? 'X-RAY DIFFRACTION' ? 
n_singtor_nbd          0.088 0.100 ? ? 'X-RAY DIFFRACTION' ? 
n_multtor_nbd          0.115 0.100 ? ? 'X-RAY DIFFRACTION' ? 
n_xhyhbond_nbd         0.183 0.100 ? ? 'X-RAY DIFFRACTION' ? 
# 
_struct.entry_id                  274D 
_struct.title                     
;CRYSTAL STRUCTURE OF A COVALENT DNA-DRUG ADDUCT: ANTHRAMYCIN BOUND TO C-C-A-A-C-G-T-T-G-G, AND A MOLECULAR EXPLANATION OF SPECIFICITY
;
_struct.pdbx_model_details        ? 
_struct.pdbx_CASP_flag            ? 
_struct.pdbx_model_type_details   ? 
# 
_struct_keywords.entry_id        274D 
_struct_keywords.pdbx_keywords   DNA 
_struct_keywords.text            'B-DNA, DOUBLE HELIX, COMPLEXED WITH DRUG, MODIFIED, DNA' 
# 
loop_
_struct_asym.id 
_struct_asym.pdbx_blank_PDB_chainid_flag 
_struct_asym.pdbx_modified 
_struct_asym.entity_id 
_struct_asym.details 
A N N 1 ? 
B N N 2 ? 
C N N 3 ? 
# 
_struct_ref.id                         1 
_struct_ref.entity_id                  1 
_struct_ref.db_name                    PDB 
_struct_ref.db_code                    274D 
_struct_ref.pdbx_db_accession          274D 
_struct_ref.pdbx_db_isoform            ? 
_struct_ref.pdbx_seq_one_letter_code   ? 
_struct_ref.pdbx_align_begin           ? 
# 
_struct_ref_seq.align_id                      1 
_struct_ref_seq.ref_id                        1 
_struct_ref_seq.pdbx_PDB_id_code              274D 
_struct_ref_seq.pdbx_strand_id                A 
_struct_ref_seq.seq_align_beg                 1 
_struct_ref_seq.pdbx_seq_align_beg_ins_code   ? 
_struct_ref_seq.seq_align_end                 10 
_struct_ref_seq.pdbx_seq_align_end_ins_code   ? 
_struct_ref_seq.pdbx_db_accession             274D 
_struct_ref_seq.db_align_beg                  1 
_struct_ref_seq.pdbx_db_align_beg_ins_code    ? 
_struct_ref_seq.db_align_end                  10 
_struct_ref_seq.pdbx_db_align_end_ins_code    ? 
_struct_ref_seq.pdbx_auth_seq_align_beg       1 
_struct_ref_seq.pdbx_auth_seq_align_end       10 
# 
_pdbx_struct_assembly.id                   1 
_pdbx_struct_assembly.details              author_defined_assembly 
_pdbx_struct_assembly.method_details       ? 
_pdbx_struct_assembly.oligomeric_details   dimeric 
_pdbx_struct_assembly.oligomeric_count     2 
# 
_pdbx_struct_assembly_gen.assembly_id       1 
_pdbx_struct_assembly_gen.oper_expression   1,2 
_pdbx_struct_assembly_gen.asym_id_list      A,B,C 
# 
loop_
_pdbx_struct_oper_list.id 
_pdbx_struct_oper_list.type 
_pdbx_struct_oper_list.name 
_pdbx_struct_oper_list.symmetry_operation 
_pdbx_struct_oper_list.matrix[1][1] 
_pdbx_struct_oper_list.matrix[1][2] 
_pdbx_struct_oper_list.matrix[1][3] 
_pdbx_struct_oper_list.vector[1] 
_pdbx_struct_oper_list.matrix[2][1] 
_pdbx_struct_oper_list.matrix[2][2] 
_pdbx_struct_oper_list.matrix[2][3] 
_pdbx_struct_oper_list.vector[2] 
_pdbx_struct_oper_list.matrix[3][1] 
_pdbx_struct_oper_list.matrix[3][2] 
_pdbx_struct_oper_list.matrix[3][3] 
_pdbx_struct_oper_list.vector[3] 
1 'identity operation'         1_555 x,y,z         1.0000000000  0.0000000000 0.0000000000  0.0000000000 0.0000000000 1.0000000000  0.0000000000  0.0000000000  0.0000000000  0.0000000000  1.0000000000 0.0000000000  
2 'crystal symmetry operation' 5_555 x-y,-y,-z+1/3 -0.8481259690 0.0772527641 -0.5241319978 1.1798920474 0.0772527641 -0.9607043448 -0.2666067749 -2.6816888680 -0.5241319978 -0.2666067749 0.8088303138 -0.0533699836 
# 
_struct_biol.id        1 
_struct_biol.details   ? 
# 
loop_
_struct_conn.id 
_struct_conn.conn_type_id 
_struct_conn.pdbx_leaving_atom_flag 
_struct_conn.pdbx_PDB_id 
_struct_conn.ptnr1_label_asym_id 
_struct_conn.ptnr1_label_comp_id 
_struct_conn.ptnr1_label_seq_id 
_struct_conn.ptnr1_label_atom_id 
_struct_conn.pdbx_ptnr1_label_alt_id 
_struct_conn.pdbx_ptnr1_PDB_ins_code 
_struct_conn.pdbx_ptnr1_standard_comp_id 
_struct_conn.ptnr1_symmetry 
_struct_conn.ptnr2_label_asym_id 
_struct_conn.ptnr2_label_comp_id 
_struct_conn.ptnr2_label_seq_id 
_struct_conn.ptnr2_label_atom_id 
_struct_conn.pdbx_ptnr2_label_alt_id 
_struct_conn.pdbx_ptnr2_PDB_ins_code 
_struct_conn.ptnr1_auth_asym_id 
_struct_conn.ptnr1_auth_comp_id 
_struct_conn.ptnr1_auth_seq_id 
_struct_conn.ptnr2_auth_asym_id 
_struct_conn.ptnr2_auth_comp_id 
_struct_conn.ptnr2_auth_seq_id 
_struct_conn.ptnr2_symmetry 
_struct_conn.pdbx_ptnr3_label_atom_id 
_struct_conn.pdbx_ptnr3_label_seq_id 
_struct_conn.pdbx_ptnr3_label_comp_id 
_struct_conn.pdbx_ptnr3_label_asym_id 
_struct_conn.pdbx_ptnr3_label_alt_id 
_struct_conn.pdbx_ptnr3_PDB_ins_code 
_struct_conn.details 
_struct_conn.pdbx_dist_value 
_struct_conn.pdbx_value_order 
_struct_conn.pdbx_role 
covale1  covale one ? A DG 9  N2 ? ? ? 1_555 B ANT .  C11 ? ? A DG 9  A ANT 11 1_555 ? ? ? ? ? ? ?            1.340 ? ? 
hydrog1  hydrog ?   ? A DC 1  N3 ? ? ? 1_555 A DG  10 N1  ? ? A DC 1  A DG  10 5_555 ? ? ? ? ? ? WATSON-CRICK ?     ? ? 
hydrog2  hydrog ?   ? A DC 1  N4 ? ? ? 1_555 A DG  10 O6  ? ? A DC 1  A DG  10 5_555 ? ? ? ? ? ? WATSON-CRICK ?     ? ? 
hydrog3  hydrog ?   ? A DC 1  O2 ? ? ? 1_555 A DG  10 N2  ? ? A DC 1  A DG  10 5_555 ? ? ? ? ? ? WATSON-CRICK ?     ? ? 
hydrog4  hydrog ?   ? A DC 2  N3 ? ? ? 1_555 A DG  9  N1  ? ? A DC 2  A DG  9  5_555 ? ? ? ? ? ? WATSON-CRICK ?     ? ? 
hydrog5  hydrog ?   ? A DC 2  N4 ? ? ? 1_555 A DG  9  O6  ? ? A DC 2  A DG  9  5_555 ? ? ? ? ? ? WATSON-CRICK ?     ? ? 
hydrog6  hydrog ?   ? A DC 2  O2 ? ? ? 1_555 A DG  9  N2  ? ? A DC 2  A DG  9  5_555 ? ? ? ? ? ? WATSON-CRICK ?     ? ? 
hydrog7  hydrog ?   ? A DA 3  N1 ? ? ? 1_555 A DT  8  N3  ? ? A DA 3  A DT  8  5_555 ? ? ? ? ? ? WATSON-CRICK ?     ? ? 
hydrog8  hydrog ?   ? A DA 3  N6 ? ? ? 1_555 A DT  8  O4  ? ? A DA 3  A DT  8  5_555 ? ? ? ? ? ? WATSON-CRICK ?     ? ? 
hydrog9  hydrog ?   ? A DA 4  N1 ? ? ? 1_555 A DT  7  N3  ? ? A DA 4  A DT  7  5_555 ? ? ? ? ? ? WATSON-CRICK ?     ? ? 
hydrog10 hydrog ?   ? A DA 4  N6 ? ? ? 1_555 A DT  7  O4  ? ? A DA 4  A DT  7  5_555 ? ? ? ? ? ? WATSON-CRICK ?     ? ? 
hydrog11 hydrog ?   ? A DC 5  N3 ? ? ? 1_555 A DG  6  N1  ? ? A DC 5  A DG  6  5_555 ? ? ? ? ? ? WATSON-CRICK ?     ? ? 
hydrog12 hydrog ?   ? A DC 5  N4 ? ? ? 1_555 A DG  6  O6  ? ? A DC 5  A DG  6  5_555 ? ? ? ? ? ? WATSON-CRICK ?     ? ? 
hydrog13 hydrog ?   ? A DC 5  O2 ? ? ? 1_555 A DG  6  N2  ? ? A DC 5  A DG  6  5_555 ? ? ? ? ? ? WATSON-CRICK ?     ? ? 
hydrog14 hydrog ?   ? A DG 6  N1 ? ? ? 1_555 A DC  5  N3  ? ? A DG 6  A DC  5  5_555 ? ? ? ? ? ? WATSON-CRICK ?     ? ? 
hydrog15 hydrog ?   ? A DG 6  N2 ? ? ? 1_555 A DC  5  O2  ? ? A DG 6  A DC  5  5_555 ? ? ? ? ? ? WATSON-CRICK ?     ? ? 
hydrog16 hydrog ?   ? A DG 6  O6 ? ? ? 1_555 A DC  5  N4  ? ? A DG 6  A DC  5  5_555 ? ? ? ? ? ? WATSON-CRICK ?     ? ? 
hydrog17 hydrog ?   ? A DT 7  N3 ? ? ? 1_555 A DA  4  N1  ? ? A DT 7  A DA  4  5_555 ? ? ? ? ? ? WATSON-CRICK ?     ? ? 
hydrog18 hydrog ?   ? A DT 7  O4 ? ? ? 1_555 A DA  4  N6  ? ? A DT 7  A DA  4  5_555 ? ? ? ? ? ? WATSON-CRICK ?     ? ? 
hydrog19 hydrog ?   ? A DT 8  N3 ? ? ? 1_555 A DA  3  N1  ? ? A DT 8  A DA  3  5_555 ? ? ? ? ? ? WATSON-CRICK ?     ? ? 
hydrog20 hydrog ?   ? A DT 8  O4 ? ? ? 1_555 A DA  3  N6  ? ? A DT 8  A DA  3  5_555 ? ? ? ? ? ? WATSON-CRICK ?     ? ? 
hydrog21 hydrog ?   ? A DG 9  N1 ? ? ? 1_555 A DC  2  N3  ? ? A DG 9  A DC  2  5_555 ? ? ? ? ? ? WATSON-CRICK ?     ? ? 
hydrog22 hydrog ?   ? A DG 9  N2 ? ? ? 1_555 A DC  2  O2  ? ? A DG 9  A DC  2  5_555 ? ? ? ? ? ? WATSON-CRICK ?     ? ? 
hydrog23 hydrog ?   ? A DG 9  O6 ? ? ? 1_555 A DC  2  N4  ? ? A DG 9  A DC  2  5_555 ? ? ? ? ? ? WATSON-CRICK ?     ? ? 
hydrog24 hydrog ?   ? A DG 10 N1 ? ? ? 1_555 A DC  1  N3  ? ? A DG 10 A DC  1  5_555 ? ? ? ? ? ? WATSON-CRICK ?     ? ? 
hydrog25 hydrog ?   ? A DG 10 N2 ? ? ? 1_555 A DC  1  O2  ? ? A DG 10 A DC  1  5_555 ? ? ? ? ? ? WATSON-CRICK ?     ? ? 
hydrog26 hydrog ?   ? A DG 10 O6 ? ? ? 1_555 A DC  1  N4  ? ? A DG 10 A DC  1  5_555 ? ? ? ? ? ? WATSON-CRICK ?     ? ? 
# 
loop_
_struct_conn_type.id 
_struct_conn_type.criteria 
_struct_conn_type.reference 
covale ? ? 
hydrog ? ? 
# 
loop_
_struct_site.id 
_struct_site.pdbx_evidence_code 
_struct_site.pdbx_auth_asym_id 
_struct_site.pdbx_auth_comp_id 
_struct_site.pdbx_auth_seq_id 
_struct_site.pdbx_auth_ins_code 
_struct_site.pdbx_num_residues 
_struct_site.details 
AC1 Software A ANT 11 ? 8 'BINDING SITE FOR RESIDUE ANT A 11' 
1   ?        ? ?   ?  ? ? ?                                   
# 
loop_
_struct_site_gen.id 
_struct_site_gen.site_id 
_struct_site_gen.pdbx_num_res 
_struct_site_gen.label_comp_id 
_struct_site_gen.label_asym_id 
_struct_site_gen.label_seq_id 
_struct_site_gen.pdbx_auth_ins_code 
_struct_site_gen.auth_comp_id 
_struct_site_gen.auth_asym_id 
_struct_site_gen.auth_seq_id 
_struct_site_gen.label_atom_id 
_struct_site_gen.label_alt_id 
_struct_site_gen.symmetry 
_struct_site_gen.details 
1 AC1 8 DC  A 2  ? DC  A 2  . ? 5_555 ? 
2 AC1 8 DA  A 3  ? DA  A 3  . ? 5_555 ? 
3 AC1 8 DA  A 4  ? DA  A 4  . ? 5_555 ? 
4 AC1 8 DT  A 8  ? DT  A 8  . ? 1_555 ? 
5 AC1 8 DG  A 9  ? DG  A 9  . ? 1_555 ? 
6 AC1 8 DG  A 10 ? DG  A 10 . ? 1_555 ? 
7 AC1 8 DG  A 10 ? DG  A 10 . ? 6_765 ? 
8 AC1 8 HOH C .  ? HOH A 32 . ? 1_555 ? 
# 
_pdbx_validate_symm_contact.id                1 
_pdbx_validate_symm_contact.PDB_model_num     1 
_pdbx_validate_symm_contact.auth_atom_id_1    OP2 
_pdbx_validate_symm_contact.auth_asym_id_1    A 
_pdbx_validate_symm_contact.auth_comp_id_1    DC 
_pdbx_validate_symm_contact.auth_seq_id_1     2 
_pdbx_validate_symm_contact.PDB_ins_code_1    ? 
_pdbx_validate_symm_contact.label_alt_id_1    ? 
_pdbx_validate_symm_contact.site_symmetry_1   1_555 
_pdbx_validate_symm_contact.auth_atom_id_2    O 
_pdbx_validate_symm_contact.auth_asym_id_2    A 
_pdbx_validate_symm_contact.auth_comp_id_2    HOH 
_pdbx_validate_symm_contact.auth_seq_id_2     14 
_pdbx_validate_symm_contact.PDB_ins_code_2    ? 
_pdbx_validate_symm_contact.label_alt_id_2    ? 
_pdbx_validate_symm_contact.site_symmetry_2   5_555 
_pdbx_validate_symm_contact.dist              1.96 
# 
loop_
_pdbx_validate_rmsd_bond.id 
_pdbx_validate_rmsd_bond.PDB_model_num 
_pdbx_validate_rmsd_bond.auth_atom_id_1 
_pdbx_validate_rmsd_bond.auth_asym_id_1 
_pdbx_validate_rmsd_bond.auth_comp_id_1 
_pdbx_validate_rmsd_bond.auth_seq_id_1 
_pdbx_validate_rmsd_bond.PDB_ins_code_1 
_pdbx_validate_rmsd_bond.label_alt_id_1 
_pdbx_validate_rmsd_bond.auth_atom_id_2 
_pdbx_validate_rmsd_bond.auth_asym_id_2 
_pdbx_validate_rmsd_bond.auth_comp_id_2 
_pdbx_validate_rmsd_bond.auth_seq_id_2 
_pdbx_validate_rmsd_bond.PDB_ins_code_2 
_pdbx_validate_rmsd_bond.label_alt_id_2 
_pdbx_validate_rmsd_bond.bond_value 
_pdbx_validate_rmsd_bond.bond_target_value 
_pdbx_validate_rmsd_bond.bond_deviation 
_pdbx_validate_rmsd_bond.bond_standard_deviation 
_pdbx_validate_rmsd_bond.linker_flag 
1  1 "O5'" A DC 1  ? ? "C5'" A DC 1  ? ? 1.537 1.440 0.097  0.016 N 
2  1 "C2'" A DC 1  ? ? "C1'" A DC 1  ? ? 1.406 1.518 -0.112 0.010 N 
3  1 C6    A DA 3  ? ? N1    A DA 3  ? ? 1.413 1.351 0.062  0.007 N 
4  1 N7    A DA 3  ? ? C8    A DA 3  ? ? 1.356 1.311 0.045  0.007 N 
5  1 "O4'" A DA 4  ? ? "C1'" A DA 4  ? ? 1.496 1.420 0.076  0.011 N 
6  1 C2    A DA 4  ? ? N3    A DA 4  ? ? 1.437 1.331 0.106  0.009 N 
7  1 C2    A DC 5  ? ? N3    A DC 5  ? ? 1.405 1.353 0.052  0.008 N 
8  1 "O4'" A DG 6  ? ? "C1'" A DG 6  ? ? 1.504 1.420 0.084  0.011 N 
9  1 "O4'" A DG 6  ? ? "C4'" A DG 6  ? ? 1.385 1.446 -0.061 0.010 N 
10 1 "C2'" A DT 7  ? ? "C1'" A DT 7  ? ? 1.598 1.519 0.079  0.010 N 
11 1 C4    A DT 7  ? ? C5    A DT 7  ? ? 1.380 1.445 -0.065 0.009 N 
12 1 C2    A DT 7  ? ? O2    A DT 7  ? ? 1.287 1.220 0.067  0.008 N 
13 1 C4    A DT 7  ? ? O4    A DT 7  ? ? 1.317 1.228 0.089  0.009 N 
14 1 "O4'" A DT 8  ? ? "C1'" A DT 8  ? ? 1.503 1.420 0.083  0.011 N 
15 1 C2    A DT 8  ? ? O2    A DT 8  ? ? 1.276 1.220 0.056  0.008 N 
16 1 C4    A DT 8  ? ? O4    A DT 8  ? ? 1.305 1.228 0.077  0.009 N 
17 1 P     A DG 9  ? ? "O5'" A DG 9  ? ? 1.679 1.593 0.086  0.010 N 
18 1 C8    A DG 9  ? ? N9    A DG 9  ? ? 1.317 1.374 -0.057 0.007 N 
19 1 "O4'" A DG 10 ? ? "C1'" A DG 10 ? ? 1.488 1.420 0.068  0.011 N 
20 1 C6    A DG 10 ? ? N1    A DG 10 ? ? 1.349 1.391 -0.042 0.007 N 
# 
loop_
_pdbx_validate_rmsd_angle.id 
_pdbx_validate_rmsd_angle.PDB_model_num 
_pdbx_validate_rmsd_angle.auth_atom_id_1 
_pdbx_validate_rmsd_angle.auth_asym_id_1 
_pdbx_validate_rmsd_angle.auth_comp_id_1 
_pdbx_validate_rmsd_angle.auth_seq_id_1 
_pdbx_validate_rmsd_angle.PDB_ins_code_1 
_pdbx_validate_rmsd_angle.label_alt_id_1 
_pdbx_validate_rmsd_angle.auth_atom_id_2 
_pdbx_validate_rmsd_angle.auth_asym_id_2 
_pdbx_validate_rmsd_angle.auth_comp_id_2 
_pdbx_validate_rmsd_angle.auth_seq_id_2 
_pdbx_validate_rmsd_angle.PDB_ins_code_2 
_pdbx_validate_rmsd_angle.label_alt_id_2 
_pdbx_validate_rmsd_angle.auth_atom_id_3 
_pdbx_validate_rmsd_angle.auth_asym_id_3 
_pdbx_validate_rmsd_angle.auth_comp_id_3 
_pdbx_validate_rmsd_angle.auth_seq_id_3 
_pdbx_validate_rmsd_angle.PDB_ins_code_3 
_pdbx_validate_rmsd_angle.label_alt_id_3 
_pdbx_validate_rmsd_angle.angle_value 
_pdbx_validate_rmsd_angle.angle_target_value 
_pdbx_validate_rmsd_angle.angle_deviation 
_pdbx_validate_rmsd_angle.angle_standard_deviation 
_pdbx_validate_rmsd_angle.linker_flag 
1  1 "O5'" A DC 1  ? ? "C5'" A DC 1  ? ? "C4'" A DC 1  ? ? 100.97 109.40 -8.43  0.80 N 
2  1 "O4'" A DC 1  ? ? "C4'" A DC 1  ? ? "C3'" A DC 1  ? ? 97.54  104.50 -6.96  0.40 N 
3  1 "C1'" A DC 1  ? ? "O4'" A DC 1  ? ? "C4'" A DC 1  ? ? 98.90  110.10 -11.20 1.00 N 
4  1 "O4'" A DC 1  ? ? "C1'" A DC 1  ? ? N1    A DC 1  ? ? 111.81 108.30 3.51   0.30 N 
5  1 C6    A DC 1  ? ? N1    A DC 1  ? ? C2    A DC 1  ? ? 122.85 120.30 2.55   0.40 N 
6  1 N3    A DC 1  ? ? C4    A DC 1  ? ? N4    A DC 1  ? ? 122.73 118.00 4.73   0.70 N 
7  1 P     A DC 2  ? ? "O5'" A DC 2  ? ? "C5'" A DC 2  ? ? 110.85 120.90 -10.05 1.60 N 
8  1 "O4'" A DC 2  ? ? "C1'" A DC 2  ? ? N1    A DC 2  ? ? 110.72 108.30 2.42   0.30 N 
9  1 "C3'" A DC 2  ? ? "O3'" A DC 2  ? ? P     A DA 3  ? ? 109.98 119.70 -9.72  1.20 Y 
10 1 "O5'" A DA 3  ? ? P     A DA 3  ? ? OP2   A DA 3  ? ? 125.23 110.70 14.53  1.20 N 
11 1 "O4'" A DA 3  ? ? "C4'" A DA 3  ? ? "C3'" A DA 3  ? ? 101.52 104.50 -2.98  0.40 N 
12 1 "O4'" A DA 3  ? ? "C1'" A DA 3  ? ? "C2'" A DA 3  ? ? 99.43  105.90 -6.47  0.80 N 
13 1 "O4'" A DA 3  ? ? "C1'" A DA 3  ? ? N9    A DA 3  ? ? 113.84 108.30 5.54   0.30 N 
14 1 N1    A DA 3  ? ? C6    A DA 3  ? ? N6    A DA 3  ? ? 114.43 118.60 -4.17  0.60 N 
15 1 "C3'" A DA 3  ? ? "O3'" A DA 3  ? ? P     A DA 4  ? ? 106.35 119.70 -13.35 1.20 Y 
16 1 OP1   A DA 4  ? ? P     A DA 4  ? ? OP2   A DA 4  ? ? 109.89 119.60 -9.71  1.50 N 
17 1 "O5'" A DA 4  ? ? P     A DA 4  ? ? OP1   A DA 4  ? ? 119.97 110.70 9.27   1.20 N 
18 1 "O4'" A DA 4  ? ? "C4'" A DA 4  ? ? "C3'" A DA 4  ? ? 101.44 104.50 -3.06  0.40 N 
19 1 "C1'" A DA 4  ? ? "O4'" A DA 4  ? ? "C4'" A DA 4  ? ? 116.60 110.30 6.30   0.70 N 
20 1 "O4'" A DA 4  ? ? "C1'" A DA 4  ? ? "C2'" A DA 4  ? ? 91.82  105.90 -14.08 0.80 N 
21 1 C6    A DA 4  ? ? N1    A DA 4  ? ? C2    A DA 4  ? ? 126.38 118.60 7.78   0.60 N 
22 1 N1    A DA 4  ? ? C2    A DA 4  ? ? N3    A DA 4  ? ? 115.59 129.30 -13.71 0.50 N 
23 1 C2    A DA 4  ? ? N3    A DA 4  ? ? C4    A DA 4  ? ? 117.74 110.60 7.14   0.50 N 
24 1 C4    A DA 4  ? ? C5    A DA 4  ? ? C6    A DA 4  ? ? 120.55 117.00 3.55   0.50 N 
25 1 N1    A DA 4  ? ? C6    A DA 4  ? ? N6    A DA 4  ? ? 112.89 118.60 -5.71  0.60 N 
26 1 C5    A DA 4  ? ? C6    A DA 4  ? ? N6    A DA 4  ? ? 131.94 123.70 8.24   0.80 N 
27 1 "O4'" A DC 5  ? ? "C4'" A DC 5  ? ? "C3'" A DC 5  ? ? 99.50  104.50 -5.00  0.40 N 
28 1 "C4'" A DC 5  ? ? "C3'" A DC 5  ? ? "C2'" A DC 5  ? ? 97.48  102.20 -4.72  0.70 N 
29 1 "O4'" A DC 5  ? ? "C1'" A DC 5  ? ? N1    A DC 5  ? ? 114.55 108.30 6.25   0.30 N 
30 1 N1    A DC 5  ? ? C2    A DC 5  ? ? O2    A DC 5  ? ? 123.79 118.90 4.89   0.60 N 
31 1 N3    A DC 5  ? ? C2    A DC 5  ? ? O2    A DC 5  ? ? 116.32 121.90 -5.58  0.70 N 
32 1 N3    A DC 5  ? ? C4    A DC 5  ? ? N4    A DC 5  ? ? 113.51 118.00 -4.49  0.70 N 
33 1 P     A DG 6  ? ? "O5'" A DG 6  ? ? "C5'" A DG 6  ? ? 109.56 120.90 -11.34 1.60 N 
34 1 "O4'" A DG 6  ? ? "C1'" A DG 6  ? ? "C2'" A DG 6  ? ? 100.79 105.90 -5.11  0.80 N 
35 1 C6    A DG 6  ? ? N1    A DG 6  ? ? C2    A DG 6  ? ? 117.46 125.10 -7.64  0.60 N 
36 1 N1    A DG 6  ? ? C2    A DG 6  ? ? N3    A DG 6  ? ? 128.21 123.90 4.31   0.60 N 
37 1 C5    A DG 6  ? ? C6    A DG 6  ? ? N1    A DG 6  ? ? 117.14 111.50 5.64   0.50 N 
38 1 N1    A DG 6  ? ? C2    A DG 6  ? ? N2    A DG 6  ? ? 108.80 116.20 -7.40  0.90 N 
39 1 N1    A DG 6  ? ? C6    A DG 6  ? ? O6    A DG 6  ? ? 115.47 119.90 -4.43  0.60 N 
40 1 "O4'" A DT 7  ? ? "C4'" A DT 7  ? ? "C3'" A DT 7  ? ? 99.15  104.50 -5.35  0.40 N 
41 1 "C5'" A DT 7  ? ? "C4'" A DT 7  ? ? "O4'" A DT 7  ? ? 118.01 109.80 8.21   1.10 N 
42 1 "C4'" A DT 7  ? ? "C3'" A DT 7  ? ? "C2'" A DT 7  ? ? 97.23  102.20 -4.97  0.70 N 
43 1 "O4'" A DT 7  ? ? "C1'" A DT 7  ? ? "C2'" A DT 7  ? ? 100.54 105.90 -5.36  0.80 N 
44 1 "O4'" A DT 7  ? ? "C1'" A DT 7  ? ? N1    A DT 7  ? ? 123.62 108.30 15.32  0.30 N 
45 1 C6    A DT 7  ? ? N1    A DT 7  ? ? C2    A DT 7  ? ? 116.80 121.30 -4.50  0.50 N 
46 1 N1    A DT 7  ? ? C2    A DT 7  ? ? N3    A DT 7  ? ? 118.68 114.60 4.08   0.60 N 
47 1 C2    A DT 7  ? ? N3    A DT 7  ? ? C4    A DT 7  ? ? 121.85 127.20 -5.35  0.60 N 
48 1 N1    A DT 7  ? ? C2    A DT 7  ? ? O2    A DT 7  ? ? 129.63 123.10 6.53   0.80 N 
49 1 N3    A DT 7  ? ? C2    A DT 7  ? ? O2    A DT 7  ? ? 111.54 122.30 -10.76 0.60 N 
50 1 N3    A DT 7  ? ? C4    A DT 7  ? ? O4    A DT 7  ? ? 112.58 119.90 -7.32  0.60 N 
51 1 "C3'" A DT 7  ? ? "O3'" A DT 7  ? ? P     A DT 8  ? ? 134.19 119.70 14.49  1.20 Y 
52 1 "O5'" A DT 8  ? ? P     A DT 8  ? ? OP2   A DT 8  ? ? 118.66 110.70 7.96   1.20 N 
53 1 "O4'" A DT 8  ? ? "C4'" A DT 8  ? ? "C3'" A DT 8  ? ? 99.76  104.50 -4.74  0.40 N 
54 1 "C5'" A DT 8  ? ? "C4'" A DT 8  ? ? "O4'" A DT 8  ? ? 120.05 109.80 10.25  1.10 N 
55 1 "O4'" A DT 8  ? ? "C1'" A DT 8  ? ? N1    A DT 8  ? ? 110.68 108.30 2.38   0.30 N 
56 1 N1    A DT 8  ? ? C2    A DT 8  ? ? N3    A DT 8  ? ? 119.47 114.60 4.87   0.60 N 
57 1 C2    A DT 8  ? ? N3    A DT 8  ? ? C4    A DT 8  ? ? 118.79 127.20 -8.41  0.60 N 
58 1 N3    A DT 8  ? ? C4    A DT 8  ? ? C5    A DT 8  ? ? 120.78 115.20 5.58   0.60 N 
59 1 N3    A DT 8  ? ? C4    A DT 8  ? ? O4    A DT 8  ? ? 115.14 119.90 -4.76  0.60 N 
60 1 OP1   A DG 9  ? ? P     A DG 9  ? ? OP2   A DG 9  ? ? 129.87 119.60 10.27  1.50 N 
61 1 P     A DG 9  ? ? "O5'" A DG 9  ? ? "C5'" A DG 9  ? ? 106.75 120.90 -14.15 1.60 N 
62 1 "C5'" A DG 9  ? ? "C4'" A DG 9  ? ? "C3'" A DG 9  ? ? 125.89 115.70 10.19  1.20 N 
63 1 "O4'" A DG 9  ? ? "C1'" A DG 9  ? ? "C2'" A DG 9  ? ? 111.09 106.80 4.29   0.50 N 
64 1 C6    A DG 9  ? ? N1    A DG 9  ? ? C2    A DG 9  ? ? 120.24 125.10 -4.86  0.60 N 
65 1 C5    A DG 9  ? ? C6    A DG 9  ? ? N1    A DG 9  ? ? 114.95 111.50 3.45   0.50 N 
66 1 N3    A DG 9  ? ? C4    A DG 9  ? ? N9    A DG 9  ? ? 129.80 126.00 3.80   0.60 N 
67 1 N1    A DG 9  ? ? C2    A DG 9  ? ? N2    A DG 9  ? ? 105.38 116.20 -10.82 0.90 N 
68 1 N3    A DG 9  ? ? C2    A DG 9  ? ? N2    A DG 9  ? ? 128.35 119.90 8.45   0.70 N 
69 1 N1    A DG 9  ? ? C6    A DG 9  ? ? O6    A DG 9  ? ? 114.03 119.90 -5.87  0.60 N 
70 1 "C3'" A DG 9  ? ? "O3'" A DG 9  ? ? P     A DG 10 ? ? 136.87 119.70 17.17  1.20 Y 
71 1 "O4'" A DG 10 ? ? "C1'" A DG 10 ? ? "C2'" A DG 10 ? ? 94.41  105.90 -11.49 0.80 N 
72 1 "O4'" A DG 10 ? ? "C1'" A DG 10 ? ? N9    A DG 10 ? ? 103.75 108.00 -4.25  0.70 N 
73 1 C6    A DG 10 ? ? N1    A DG 10 ? ? C2    A DG 10 ? ? 120.24 125.10 -4.86  0.60 N 
74 1 C5    A DG 10 ? ? C6    A DG 10 ? ? N1    A DG 10 ? ? 116.01 111.50 4.51   0.50 N 
75 1 N1    A DG 10 ? ? C6    A DG 10 ? ? O6    A DG 10 ? ? 124.21 119.90 4.31   0.60 N 
76 1 C5    A DG 10 ? ? C6    A DG 10 ? ? O6    A DG 10 ? ? 119.75 128.60 -8.85  0.60 N 
# 
_struct_site_keywords.site_id   1 
_struct_site_keywords.text      'GROOVE BINDER, COVALENT' 
# 
loop_
_refine_B_iso.class 
_refine_B_iso.details 
_refine_B_iso.treatment 
_refine_B_iso.pdbx_refine_id 
'ALL ATOMS'  ? ? 'X-RAY DIFFRACTION' 
'ALL WATERS' ? ? 'X-RAY DIFFRACTION' 
# 
loop_
_refine_occupancy.class 
_refine_occupancy.treatment 
_refine_occupancy.pdbx_refine_id 
'ALL ATOMS'  ? 'X-RAY DIFFRACTION' 
'ALL WATERS' ? 'X-RAY DIFFRACTION' 
# 
loop_
_chem_comp_atom.comp_id 
_chem_comp_atom.atom_id 
_chem_comp_atom.type_symbol 
_chem_comp_atom.pdbx_aromatic_flag 
_chem_comp_atom.pdbx_stereo_config 
_chem_comp_atom.pdbx_ordinal 
ANT C1     C N N 1   
ANT C2     C N N 2   
ANT C3     C N N 3   
ANT N4     N N N 4   
ANT C5     C N N 5   
ANT O5     O N N 6   
ANT C5A    C Y N 7   
ANT C6     C Y N 8   
ANT C7     C Y N 9   
ANT C8     C Y N 10  
ANT C8M    C N N 11  
ANT C9     C Y N 12  
ANT C9A    C Y N 13  
ANT O9     O N N 14  
ANT N10    N N N 15  
ANT C11    C N S 16  
ANT O11    O N N 17  
ANT C4A    C N S 18  
ANT C12    C N N 19  
ANT C13    C N N 20  
ANT C14    C N N 21  
ANT O14    O N N 22  
ANT N15    N N N 23  
ANT H11A   H N N 24  
ANT H12A   H N N 25  
ANT H3     H N N 26  
ANT H6     H N N 27  
ANT H7     H N N 28  
ANT HM81   H N N 29  
ANT HM82   H N N 30  
ANT HM83   H N N 31  
ANT HO9    H N N 32  
ANT HN     H N N 33  
ANT H11    H N N 34  
ANT HO1    H N N 35  
ANT H4A    H N N 36  
ANT H12    H N N 37  
ANT H13    H N N 38  
ANT HN51   H N N 39  
ANT HN52   H N N 40  
DA  OP3    O N N 41  
DA  P      P N N 42  
DA  OP1    O N N 43  
DA  OP2    O N N 44  
DA  "O5'"  O N N 45  
DA  "C5'"  C N N 46  
DA  "C4'"  C N R 47  
DA  "O4'"  O N N 48  
DA  "C3'"  C N S 49  
DA  "O3'"  O N N 50  
DA  "C2'"  C N N 51  
DA  "C1'"  C N R 52  
DA  N9     N Y N 53  
DA  C8     C Y N 54  
DA  N7     N Y N 55  
DA  C5     C Y N 56  
DA  C6     C Y N 57  
DA  N6     N N N 58  
DA  N1     N Y N 59  
DA  C2     C Y N 60  
DA  N3     N Y N 61  
DA  C4     C Y N 62  
DA  HOP3   H N N 63  
DA  HOP2   H N N 64  
DA  "H5'"  H N N 65  
DA  "H5''" H N N 66  
DA  "H4'"  H N N 67  
DA  "H3'"  H N N 68  
DA  "HO3'" H N N 69  
DA  "H2'"  H N N 70  
DA  "H2''" H N N 71  
DA  "H1'"  H N N 72  
DA  H8     H N N 73  
DA  H61    H N N 74  
DA  H62    H N N 75  
DA  H2     H N N 76  
DC  OP3    O N N 77  
DC  P      P N N 78  
DC  OP1    O N N 79  
DC  OP2    O N N 80  
DC  "O5'"  O N N 81  
DC  "C5'"  C N N 82  
DC  "C4'"  C N R 83  
DC  "O4'"  O N N 84  
DC  "C3'"  C N S 85  
DC  "O3'"  O N N 86  
DC  "C2'"  C N N 87  
DC  "C1'"  C N R 88  
DC  N1     N N N 89  
DC  C2     C N N 90  
DC  O2     O N N 91  
DC  N3     N N N 92  
DC  C4     C N N 93  
DC  N4     N N N 94  
DC  C5     C N N 95  
DC  C6     C N N 96  
DC  HOP3   H N N 97  
DC  HOP2   H N N 98  
DC  "H5'"  H N N 99  
DC  "H5''" H N N 100 
DC  "H4'"  H N N 101 
DC  "H3'"  H N N 102 
DC  "HO3'" H N N 103 
DC  "H2'"  H N N 104 
DC  "H2''" H N N 105 
DC  "H1'"  H N N 106 
DC  H41    H N N 107 
DC  H42    H N N 108 
DC  H5     H N N 109 
DC  H6     H N N 110 
DG  OP3    O N N 111 
DG  P      P N N 112 
DG  OP1    O N N 113 
DG  OP2    O N N 114 
DG  "O5'"  O N N 115 
DG  "C5'"  C N N 116 
DG  "C4'"  C N R 117 
DG  "O4'"  O N N 118 
DG  "C3'"  C N S 119 
DG  "O3'"  O N N 120 
DG  "C2'"  C N N 121 
DG  "C1'"  C N R 122 
DG  N9     N Y N 123 
DG  C8     C Y N 124 
DG  N7     N Y N 125 
DG  C5     C Y N 126 
DG  C6     C N N 127 
DG  O6     O N N 128 
DG  N1     N N N 129 
DG  C2     C N N 130 
DG  N2     N N N 131 
DG  N3     N N N 132 
DG  C4     C Y N 133 
DG  HOP3   H N N 134 
DG  HOP2   H N N 135 
DG  "H5'"  H N N 136 
DG  "H5''" H N N 137 
DG  "H4'"  H N N 138 
DG  "H3'"  H N N 139 
DG  "HO3'" H N N 140 
DG  "H2'"  H N N 141 
DG  "H2''" H N N 142 
DG  "H1'"  H N N 143 
DG  H8     H N N 144 
DG  H1     H N N 145 
DG  H21    H N N 146 
DG  H22    H N N 147 
DT  OP3    O N N 148 
DT  P      P N N 149 
DT  OP1    O N N 150 
DT  OP2    O N N 151 
DT  "O5'"  O N N 152 
DT  "C5'"  C N N 153 
DT  "C4'"  C N R 154 
DT  "O4'"  O N N 155 
DT  "C3'"  C N S 156 
DT  "O3'"  O N N 157 
DT  "C2'"  C N N 158 
DT  "C1'"  C N R 159 
DT  N1     N N N 160 
DT  C2     C N N 161 
DT  O2     O N N 162 
DT  N3     N N N 163 
DT  C4     C N N 164 
DT  O4     O N N 165 
DT  C5     C N N 166 
DT  C7     C N N 167 
DT  C6     C N N 168 
DT  HOP3   H N N 169 
DT  HOP2   H N N 170 
DT  "H5'"  H N N 171 
DT  "H5''" H N N 172 
DT  "H4'"  H N N 173 
DT  "H3'"  H N N 174 
DT  "HO3'" H N N 175 
DT  "H2'"  H N N 176 
DT  "H2''" H N N 177 
DT  "H1'"  H N N 178 
DT  H3     H N N 179 
DT  H71    H N N 180 
DT  H72    H N N 181 
DT  H73    H N N 182 
DT  H6     H N N 183 
HOH O      O N N 184 
HOH H1     H N N 185 
HOH H2     H N N 186 
# 
loop_
_chem_comp_bond.comp_id 
_chem_comp_bond.atom_id_1 
_chem_comp_bond.atom_id_2 
_chem_comp_bond.value_order 
_chem_comp_bond.pdbx_aromatic_flag 
_chem_comp_bond.pdbx_stereo_config 
_chem_comp_bond.pdbx_ordinal 
ANT C1    C2     sing N N 1   
ANT C1    C4A    sing N N 2   
ANT C1    H11A   sing N N 3   
ANT C1    H12A   sing N N 4   
ANT C2    C3     doub N N 5   
ANT C2    C12    sing N N 6   
ANT C3    N4     sing N N 7   
ANT C3    H3     sing N N 8   
ANT N4    C5     sing N N 9   
ANT N4    C4A    sing N N 10  
ANT C5    O5     doub N N 11  
ANT C5    C5A    sing N N 12  
ANT C5A   C6     doub Y N 13  
ANT C5A   C9A    sing Y N 14  
ANT C6    C7     sing Y N 15  
ANT C6    H6     sing N N 16  
ANT C7    C8     doub Y N 17  
ANT C7    H7     sing N N 18  
ANT C8    C8M    sing N N 19  
ANT C8    C9     sing Y N 20  
ANT C8M   HM81   sing N N 21  
ANT C8M   HM82   sing N N 22  
ANT C8M   HM83   sing N N 23  
ANT C9    C9A    doub Y N 24  
ANT C9    O9     sing N N 25  
ANT C9A   N10    sing N N 26  
ANT O9    HO9    sing N N 27  
ANT N10   C11    sing N N 28  
ANT N10   HN     sing N N 29  
ANT C11   O11    sing N N 30  
ANT C11   C4A    sing N N 31  
ANT C11   H11    sing N N 32  
ANT O11   HO1    sing N N 33  
ANT C4A   H4A    sing N N 34  
ANT C12   C13    doub N E 35  
ANT C12   H12    sing N N 36  
ANT C13   C14    sing N N 37  
ANT C13   H13    sing N N 38  
ANT C14   O14    doub N N 39  
ANT C14   N15    sing N N 40  
ANT N15   HN51   sing N N 41  
ANT N15   HN52   sing N N 42  
DA  OP3   P      sing N N 43  
DA  OP3   HOP3   sing N N 44  
DA  P     OP1    doub N N 45  
DA  P     OP2    sing N N 46  
DA  P     "O5'"  sing N N 47  
DA  OP2   HOP2   sing N N 48  
DA  "O5'" "C5'"  sing N N 49  
DA  "C5'" "C4'"  sing N N 50  
DA  "C5'" "H5'"  sing N N 51  
DA  "C5'" "H5''" sing N N 52  
DA  "C4'" "O4'"  sing N N 53  
DA  "C4'" "C3'"  sing N N 54  
DA  "C4'" "H4'"  sing N N 55  
DA  "O4'" "C1'"  sing N N 56  
DA  "C3'" "O3'"  sing N N 57  
DA  "C3'" "C2'"  sing N N 58  
DA  "C3'" "H3'"  sing N N 59  
DA  "O3'" "HO3'" sing N N 60  
DA  "C2'" "C1'"  sing N N 61  
DA  "C2'" "H2'"  sing N N 62  
DA  "C2'" "H2''" sing N N 63  
DA  "C1'" N9     sing N N 64  
DA  "C1'" "H1'"  sing N N 65  
DA  N9    C8     sing Y N 66  
DA  N9    C4     sing Y N 67  
DA  C8    N7     doub Y N 68  
DA  C8    H8     sing N N 69  
DA  N7    C5     sing Y N 70  
DA  C5    C6     sing Y N 71  
DA  C5    C4     doub Y N 72  
DA  C6    N6     sing N N 73  
DA  C6    N1     doub Y N 74  
DA  N6    H61    sing N N 75  
DA  N6    H62    sing N N 76  
DA  N1    C2     sing Y N 77  
DA  C2    N3     doub Y N 78  
DA  C2    H2     sing N N 79  
DA  N3    C4     sing Y N 80  
DC  OP3   P      sing N N 81  
DC  OP3   HOP3   sing N N 82  
DC  P     OP1    doub N N 83  
DC  P     OP2    sing N N 84  
DC  P     "O5'"  sing N N 85  
DC  OP2   HOP2   sing N N 86  
DC  "O5'" "C5'"  sing N N 87  
DC  "C5'" "C4'"  sing N N 88  
DC  "C5'" "H5'"  sing N N 89  
DC  "C5'" "H5''" sing N N 90  
DC  "C4'" "O4'"  sing N N 91  
DC  "C4'" "C3'"  sing N N 92  
DC  "C4'" "H4'"  sing N N 93  
DC  "O4'" "C1'"  sing N N 94  
DC  "C3'" "O3'"  sing N N 95  
DC  "C3'" "C2'"  sing N N 96  
DC  "C3'" "H3'"  sing N N 97  
DC  "O3'" "HO3'" sing N N 98  
DC  "C2'" "C1'"  sing N N 99  
DC  "C2'" "H2'"  sing N N 100 
DC  "C2'" "H2''" sing N N 101 
DC  "C1'" N1     sing N N 102 
DC  "C1'" "H1'"  sing N N 103 
DC  N1    C2     sing N N 104 
DC  N1    C6     sing N N 105 
DC  C2    O2     doub N N 106 
DC  C2    N3     sing N N 107 
DC  N3    C4     doub N N 108 
DC  C4    N4     sing N N 109 
DC  C4    C5     sing N N 110 
DC  N4    H41    sing N N 111 
DC  N4    H42    sing N N 112 
DC  C5    C6     doub N N 113 
DC  C5    H5     sing N N 114 
DC  C6    H6     sing N N 115 
DG  OP3   P      sing N N 116 
DG  OP3   HOP3   sing N N 117 
DG  P     OP1    doub N N 118 
DG  P     OP2    sing N N 119 
DG  P     "O5'"  sing N N 120 
DG  OP2   HOP2   sing N N 121 
DG  "O5'" "C5'"  sing N N 122 
DG  "C5'" "C4'"  sing N N 123 
DG  "C5'" "H5'"  sing N N 124 
DG  "C5'" "H5''" sing N N 125 
DG  "C4'" "O4'"  sing N N 126 
DG  "C4'" "C3'"  sing N N 127 
DG  "C4'" "H4'"  sing N N 128 
DG  "O4'" "C1'"  sing N N 129 
DG  "C3'" "O3'"  sing N N 130 
DG  "C3'" "C2'"  sing N N 131 
DG  "C3'" "H3'"  sing N N 132 
DG  "O3'" "HO3'" sing N N 133 
DG  "C2'" "C1'"  sing N N 134 
DG  "C2'" "H2'"  sing N N 135 
DG  "C2'" "H2''" sing N N 136 
DG  "C1'" N9     sing N N 137 
DG  "C1'" "H1'"  sing N N 138 
DG  N9    C8     sing Y N 139 
DG  N9    C4     sing Y N 140 
DG  C8    N7     doub Y N 141 
DG  C8    H8     sing N N 142 
DG  N7    C5     sing Y N 143 
DG  C5    C6     sing N N 144 
DG  C5    C4     doub Y N 145 
DG  C6    O6     doub N N 146 
DG  C6    N1     sing N N 147 
DG  N1    C2     sing N N 148 
DG  N1    H1     sing N N 149 
DG  C2    N2     sing N N 150 
DG  C2    N3     doub N N 151 
DG  N2    H21    sing N N 152 
DG  N2    H22    sing N N 153 
DG  N3    C4     sing N N 154 
DT  OP3   P      sing N N 155 
DT  OP3   HOP3   sing N N 156 
DT  P     OP1    doub N N 157 
DT  P     OP2    sing N N 158 
DT  P     "O5'"  sing N N 159 
DT  OP2   HOP2   sing N N 160 
DT  "O5'" "C5'"  sing N N 161 
DT  "C5'" "C4'"  sing N N 162 
DT  "C5'" "H5'"  sing N N 163 
DT  "C5'" "H5''" sing N N 164 
DT  "C4'" "O4'"  sing N N 165 
DT  "C4'" "C3'"  sing N N 166 
DT  "C4'" "H4'"  sing N N 167 
DT  "O4'" "C1'"  sing N N 168 
DT  "C3'" "O3'"  sing N N 169 
DT  "C3'" "C2'"  sing N N 170 
DT  "C3'" "H3'"  sing N N 171 
DT  "O3'" "HO3'" sing N N 172 
DT  "C2'" "C1'"  sing N N 173 
DT  "C2'" "H2'"  sing N N 174 
DT  "C2'" "H2''" sing N N 175 
DT  "C1'" N1     sing N N 176 
DT  "C1'" "H1'"  sing N N 177 
DT  N1    C2     sing N N 178 
DT  N1    C6     sing N N 179 
DT  C2    O2     doub N N 180 
DT  C2    N3     sing N N 181 
DT  N3    C4     sing N N 182 
DT  N3    H3     sing N N 183 
DT  C4    O4     doub N N 184 
DT  C4    C5     sing N N 185 
DT  C5    C7     sing N N 186 
DT  C5    C6     doub N N 187 
DT  C7    H71    sing N N 188 
DT  C7    H72    sing N N 189 
DT  C7    H73    sing N N 190 
DT  C6    H6     sing N N 191 
HOH O     H1     sing N N 192 
HOH O     H2     sing N N 193 
# 
_ndb_struct_conf_na.entry_id   274D 
_ndb_struct_conf_na.feature    'b-form double helix' 
# 
loop_
_ndb_struct_na_base_pair.model_number 
_ndb_struct_na_base_pair.i_label_asym_id 
_ndb_struct_na_base_pair.i_label_comp_id 
_ndb_struct_na_base_pair.i_label_seq_id 
_ndb_struct_na_base_pair.i_symmetry 
_ndb_struct_na_base_pair.j_label_asym_id 
_ndb_struct_na_base_pair.j_label_comp_id 
_ndb_struct_na_base_pair.j_label_seq_id 
_ndb_struct_na_base_pair.j_symmetry 
_ndb_struct_na_base_pair.shear 
_ndb_struct_na_base_pair.stretch 
_ndb_struct_na_base_pair.stagger 
_ndb_struct_na_base_pair.buckle 
_ndb_struct_na_base_pair.propeller 
_ndb_struct_na_base_pair.opening 
_ndb_struct_na_base_pair.pair_number 
_ndb_struct_na_base_pair.pair_name 
_ndb_struct_na_base_pair.i_auth_asym_id 
_ndb_struct_na_base_pair.i_auth_seq_id 
_ndb_struct_na_base_pair.i_PDB_ins_code 
_ndb_struct_na_base_pair.j_auth_asym_id 
_ndb_struct_na_base_pair.j_auth_seq_id 
_ndb_struct_na_base_pair.j_PDB_ins_code 
_ndb_struct_na_base_pair.hbond_type_28 
_ndb_struct_na_base_pair.hbond_type_12 
1 A DC 1  1_555 A DG 10 5_555 -0.762 -0.277 0.320  -11.631 8.590   -8.621 1  A_DC1:DG10_A A 1  ? A 10 ? 19 1 
1 A DC 2  1_555 A DG 9  5_555 0.536  -0.078 0.345  -8.525  -6.357  -6.709 2  A_DC2:DG9_A  A 2  ? A 9  ? 19 1 
1 A DA 3  1_555 A DT 8  5_555 1.436  0.096  -0.269 -0.540  -5.227  -5.394 3  A_DA3:DT8_A  A 3  ? A 8  ? 20 1 
1 A DA 4  1_555 A DT 7  5_555 -0.277 0.014  0.811  5.524   -7.982  2.350  4  A_DA4:DT7_A  A 4  ? A 7  ? 20 1 
1 A DC 5  1_555 A DG 6  5_555 -0.511 0.144  -0.401 7.728   -10.656 -3.362 5  A_DC5:DG6_A  A 5  ? A 6  ? 19 1 
1 A DG 6  1_555 A DC 5  5_555 0.511  0.144  -0.401 -7.728  -10.656 -3.362 6  A_DG6:DC5_A  A 6  ? A 5  ? 19 1 
1 A DT 7  1_555 A DA 4  5_555 0.277  0.014  0.811  -5.524  -7.982  2.350  7  A_DT7:DA4_A  A 7  ? A 4  ? 20 1 
1 A DT 8  1_555 A DA 3  5_555 -1.436 0.096  -0.269 0.540   -5.227  -5.394 8  A_DT8:DA3_A  A 8  ? A 3  ? 20 1 
1 A DG 9  1_555 A DC 2  5_555 -0.536 -0.078 0.345  8.525   -6.357  -6.709 9  A_DG9:DC2_A  A 9  ? A 2  ? 19 1 
1 A DG 10 1_555 A DC 1  5_555 0.762  -0.277 0.320  11.631  8.590   -8.621 10 A_DG10:DC1_A A 10 ? A 1  ? 19 1 
# 
loop_
_ndb_struct_na_base_pair_step.model_number 
_ndb_struct_na_base_pair_step.i_label_asym_id_1 
_ndb_struct_na_base_pair_step.i_label_comp_id_1 
_ndb_struct_na_base_pair_step.i_label_seq_id_1 
_ndb_struct_na_base_pair_step.i_symmetry_1 
_ndb_struct_na_base_pair_step.j_label_asym_id_1 
_ndb_struct_na_base_pair_step.j_label_comp_id_1 
_ndb_struct_na_base_pair_step.j_label_seq_id_1 
_ndb_struct_na_base_pair_step.j_symmetry_1 
_ndb_struct_na_base_pair_step.i_label_asym_id_2 
_ndb_struct_na_base_pair_step.i_label_comp_id_2 
_ndb_struct_na_base_pair_step.i_label_seq_id_2 
_ndb_struct_na_base_pair_step.i_symmetry_2 
_ndb_struct_na_base_pair_step.j_label_asym_id_2 
_ndb_struct_na_base_pair_step.j_label_comp_id_2 
_ndb_struct_na_base_pair_step.j_label_seq_id_2 
_ndb_struct_na_base_pair_step.j_symmetry_2 
_ndb_struct_na_base_pair_step.shift 
_ndb_struct_na_base_pair_step.slide 
_ndb_struct_na_base_pair_step.rise 
_ndb_struct_na_base_pair_step.tilt 
_ndb_struct_na_base_pair_step.roll 
_ndb_struct_na_base_pair_step.twist 
_ndb_struct_na_base_pair_step.x_displacement 
_ndb_struct_na_base_pair_step.y_displacement 
_ndb_struct_na_base_pair_step.helical_rise 
_ndb_struct_na_base_pair_step.inclination 
_ndb_struct_na_base_pair_step.tip 
_ndb_struct_na_base_pair_step.helical_twist 
_ndb_struct_na_base_pair_step.step_number 
_ndb_struct_na_base_pair_step.step_name 
_ndb_struct_na_base_pair_step.i_auth_asym_id_1 
_ndb_struct_na_base_pair_step.i_auth_seq_id_1 
_ndb_struct_na_base_pair_step.i_PDB_ins_code_1 
_ndb_struct_na_base_pair_step.j_auth_asym_id_1 
_ndb_struct_na_base_pair_step.j_auth_seq_id_1 
_ndb_struct_na_base_pair_step.j_PDB_ins_code_1 
_ndb_struct_na_base_pair_step.i_auth_asym_id_2 
_ndb_struct_na_base_pair_step.i_auth_seq_id_2 
_ndb_struct_na_base_pair_step.i_PDB_ins_code_2 
_ndb_struct_na_base_pair_step.j_auth_asym_id_2 
_ndb_struct_na_base_pair_step.j_auth_seq_id_2 
_ndb_struct_na_base_pair_step.j_PDB_ins_code_2 
1 A DC 1 1_555 A DG 10 5_555 A DC 2  1_555 A DG 9 5_555 -0.178 -0.977 3.224 2.628   -3.079 42.156 -1.040 0.513  3.268 -4.269  
-3.643  42.341 1 AA_DC1DC2:DG9DG10_AA A 1 ? A 10 ? A 2  ? A 9 ? 
1 A DC 2 1_555 A DG 9  5_555 A DA 3  1_555 A DT 8 5_555 0.057  0.095  3.305 8.056   1.711  39.174 -0.060 0.853  3.255 2.519   
-11.857 39.997 2 AA_DC2DA3:DT8DG9_AA  A 2 ? A 9  ? A 3  ? A 8 ? 
1 A DA 3 1_555 A DT 8  5_555 A DA 4  1_555 A DT 7 5_555 -0.321 0.311  2.940 -10.831 -6.807 34.764 1.322  -0.818 2.805 -10.945 
17.414  36.974 3 AA_DA3DA4:DT7DT8_AA  A 3 ? A 8  ? A 4  ? A 7 ? 
1 A DA 4 1_555 A DT 7  5_555 A DC 5  1_555 A DG 6 5_555 0.017  -0.153 3.338 9.446   -0.451 33.727 -0.186 1.428  3.228 -0.759  
-15.897 34.990 4 AA_DA4DC5:DG6DT7_AA  A 4 ? A 7  ? A 5  ? A 6 ? 
1 A DC 5 1_555 A DG 6  5_555 A DG 6  1_555 A DC 5 5_555 0.000  0.970  3.975 0.000   5.944  42.436 0.597  0.000  4.068 8.164   
0.000   42.831 5 AA_DC5DG6:DC5DG6_AA  A 5 ? A 6  ? A 6  ? A 5 ? 
1 A DG 6 1_555 A DC 5  5_555 A DT 7  1_555 A DA 4 5_555 -0.017 -0.153 3.338 -9.446  -0.451 33.727 -0.186 -1.428 3.228 -0.759  
15.897  34.990 6 AA_DG6DT7:DA4DC5_AA  A 6 ? A 5  ? A 7  ? A 4 ? 
1 A DT 7 1_555 A DA 4  5_555 A DT 8  1_555 A DA 3 5_555 0.321  0.311  2.940 10.831  -6.807 34.764 1.322  0.818  2.805 -10.945 
-17.414 36.974 7 AA_DT7DT8:DA3DA4_AA  A 7 ? A 4  ? A 8  ? A 3 ? 
1 A DT 8 1_555 A DA 3  5_555 A DG 9  1_555 A DC 2 5_555 -0.057 0.095  3.305 -8.056  1.711  39.174 -0.060 -0.853 3.255 2.519   
11.857  39.997 8 AA_DT8DG9:DC2DA3_AA  A 8 ? A 3  ? A 9  ? A 2 ? 
1 A DG 9 1_555 A DC 2  5_555 A DG 10 1_555 A DC 1 5_555 0.178  -0.977 3.224 -2.628  -3.079 42.156 -1.040 -0.513 3.268 -4.269  
3.643   42.341 9 AA_DG9DG10:DC1DC2_AA A 9 ? A 2  ? A 10 ? A 1 ? 
# 
_atom_sites.entry_id                    274D 
_atom_sites.fract_transf_matrix[1][1]   -0.00988955 
_atom_sites.fract_transf_matrix[1][2]   -0.00241203 
_atom_sites.fract_transf_matrix[1][3]   -0.04712616 
_atom_sites.fract_transf_matrix[2][1]   -0.04279201 
_atom_sites.fract_transf_matrix[2][2]   -0.01652977 
_atom_sites.fract_transf_matrix[2][3]   -0.01483589 
_atom_sites.fract_transf_matrix[3][1]   -0.00415333 
_atom_sites.fract_transf_matrix[3][2]   0.01044983 
_atom_sites.fract_transf_matrix[3][3]   0.00033674 
_atom_sites.fract_transf_vector[1]      0.687812 
_atom_sites.fract_transf_vector[2]      0.002685 
_atom_sites.fract_transf_vector[3]      0.183140 
# 
loop_
_atom_type.symbol 
C 
N 
O 
P 
# 
loop_
_atom_site.group_PDB 
_atom_site.id 
_atom_site.type_symbol 
_atom_site.label_atom_id 
_atom_site.label_alt_id 
_atom_site.label_comp_id 
_atom_site.label_asym_id 
_atom_site.label_entity_id 
_atom_site.label_seq_id 
_atom_site.pdbx_PDB_ins_code 
_atom_site.Cartn_x 
_atom_site.Cartn_y 
_atom_site.Cartn_z 
_atom_site.occupancy 
_atom_site.B_iso_or_equiv 
_atom_site.pdbx_formal_charge 
_atom_site.auth_seq_id 
_atom_site.auth_comp_id 
_atom_site.auth_asym_id 
_atom_site.auth_atom_id 
_atom_site.pdbx_PDB_model_num 
ATOM   1   O "O5'" . DC  A 1 1  ? 18.899  -6.481  0.544   1.00 46.19 ? 1  DC  A "O5'" 1 
ATOM   2   C "C5'" . DC  A 1 1  ? 19.438  -7.830  0.042   1.00 28.58 ? 1  DC  A "C5'" 1 
ATOM   3   C "C4'" . DC  A 1 1  ? 18.206  -8.468  -0.419  1.00 23.56 ? 1  DC  A "C4'" 1 
ATOM   4   O "O4'" . DC  A 1 1  ? 17.394  -8.694  0.733   1.00 29.49 ? 1  DC  A "O4'" 1 
ATOM   5   C "C3'" . DC  A 1 1  ? 17.199  -7.607  -1.210  1.00 22.29 ? 1  DC  A "C3'" 1 
ATOM   6   O "O3'" . DC  A 1 1  ? 17.726  -7.395  -2.483  1.00 36.47 ? 1  DC  A "O3'" 1 
ATOM   7   C "C2'" . DC  A 1 1  ? 15.912  -8.391  -1.072  1.00 23.43 ? 1  DC  A "C2'" 1 
ATOM   8   C "C1'" . DC  A 1 1  ? 16.171  -9.186  0.058   1.00 27.15 ? 1  DC  A "C1'" 1 
ATOM   9   N N1    . DC  A 1 1  ? 15.131  -9.535  1.011   1.00 18.78 ? 1  DC  A N1    1 
ATOM   10  C C2    . DC  A 1 1  ? 14.044  -10.151 0.484   1.00 26.65 ? 1  DC  A C2    1 
ATOM   11  O O2    . DC  A 1 1  ? 13.840  -10.211 -0.745  1.00 32.49 ? 1  DC  A O2    1 
ATOM   12  N N3    . DC  A 1 1  ? 13.107  -10.628 1.361   1.00 30.62 ? 1  DC  A N3    1 
ATOM   13  C C4    . DC  A 1 1  ? 13.293  -10.550 2.706   1.00 26.28 ? 1  DC  A C4    1 
ATOM   14  N N4    . DC  A 1 1  ? 12.384  -10.958 3.579   1.00 18.83 ? 1  DC  A N4    1 
ATOM   15  C C5    . DC  A 1 1  ? 14.492  -9.984  3.227   1.00 26.93 ? 1  DC  A C5    1 
ATOM   16  C C6    . DC  A 1 1  ? 15.378  -9.498  2.328   1.00 23.01 ? 1  DC  A C6    1 
ATOM   17  P P     . DC  A 1 2  ? 16.803  -6.532  -3.531  1.00 44.70 ? 2  DC  A P     1 
ATOM   18  O OP1   . DC  A 1 2  ? 17.447  -6.474  -4.814  1.00 41.71 ? 2  DC  A OP1   1 
ATOM   19  O OP2   . DC  A 1 2  ? 16.442  -5.216  -2.816  1.00 51.30 ? 2  DC  A OP2   1 
ATOM   20  O "O5'" . DC  A 1 2  ? 15.479  -7.376  -3.470  1.00 36.59 ? 2  DC  A "O5'" 1 
ATOM   21  C "C5'" . DC  A 1 2  ? 14.577  -6.992  -4.524  1.00 28.93 ? 2  DC  A "C5'" 1 
ATOM   22  C "C4'" . DC  A 1 2  ? 13.560  -8.043  -4.692  1.00 15.49 ? 2  DC  A "C4'" 1 
ATOM   23  O "O4'" . DC  A 1 2  ? 13.162  -8.566  -3.455  1.00 28.69 ? 2  DC  A "O4'" 1 
ATOM   24  C "C3'" . DC  A 1 2  ? 12.350  -7.346  -5.262  1.00 20.68 ? 2  DC  A "C3'" 1 
ATOM   25  O "O3'" . DC  A 1 2  ? 11.822  -8.126  -6.294  1.00 22.69 ? 2  DC  A "O3'" 1 
ATOM   26  C "C2'" . DC  A 1 2  ? 11.480  -7.186  -4.029  1.00 26.25 ? 2  DC  A "C2'" 1 
ATOM   27  C "C1'" . DC  A 1 2  ? 11.790  -8.345  -3.173  1.00 22.64 ? 2  DC  A "C1'" 1 
ATOM   28  N N1    . DC  A 1 2  ? 11.576  -8.171  -1.727  1.00 26.63 ? 2  DC  A N1    1 
ATOM   29  C C2    . DC  A 1 2  ? 10.468  -8.800  -1.218  1.00 26.11 ? 2  DC  A C2    1 
ATOM   30  O O2    . DC  A 1 2  ? 9.726   -9.509  -2.004  1.00 28.53 ? 2  DC  A O2    1 
ATOM   31  N N3    . DC  A 1 2  ? 10.159  -8.649  0.117   1.00 20.80 ? 2  DC  A N3    1 
ATOM   32  C C4    . DC  A 1 2  ? 10.999  -7.959  0.915   1.00 20.46 ? 2  DC  A C4    1 
ATOM   33  N N4    . DC  A 1 2  ? 10.665  -7.876  2.231   1.00 23.51 ? 2  DC  A N4    1 
ATOM   34  C C5    . DC  A 1 2  ? 12.110  -7.290  0.416   1.00 23.54 ? 2  DC  A C5    1 
ATOM   35  C C6    . DC  A 1 2  ? 12.367  -7.433  -0.889  1.00 28.79 ? 2  DC  A C6    1 
ATOM   36  P P     . DA  A 1 3  ? 10.913  -7.192  -7.294  1.00 30.82 ? 3  DA  A P     1 
ATOM   37  O OP1   . DA  A 1 3  ? 10.827  -7.893  -8.599  1.00 34.00 ? 3  DA  A OP1   1 
ATOM   38  O OP2   . DA  A 1 3  ? 11.558  -5.909  -7.388  1.00 29.60 ? 3  DA  A OP2   1 
ATOM   39  O "O5'" . DA  A 1 3  ? 9.508   -7.467  -6.595  1.00 27.70 ? 3  DA  A "O5'" 1 
ATOM   40  C "C5'" . DA  A 1 3  ? 8.557   -8.323  -7.207  1.00 22.31 ? 3  DA  A "C5'" 1 
ATOM   41  C "C4'" . DA  A 1 3  ? 7.296   -8.342  -6.417  1.00 14.22 ? 3  DA  A "C4'" 1 
ATOM   42  O "O4'" . DA  A 1 3  ? 7.490   -8.177  -5.013  1.00 19.39 ? 3  DA  A "O4'" 1 
ATOM   43  C "C3'" . DA  A 1 3  ? 6.291   -7.307  -6.699  1.00 21.92 ? 3  DA  A "C3'" 1 
ATOM   44  O "O3'" . DA  A 1 3  ? 5.062   -7.979  -6.345  1.00 29.48 ? 3  DA  A "O3'" 1 
ATOM   45  C "C2'" . DA  A 1 3  ? 6.604   -6.222  -5.646  1.00 29.93 ? 3  DA  A "C2'" 1 
ATOM   46  C "C1'" . DA  A 1 3  ? 6.740   -7.096  -4.438  1.00 21.83 ? 3  DA  A "C1'" 1 
ATOM   47  N N9    . DA  A 1 3  ? 7.429   -6.417  -3.334  1.00 17.62 ? 3  DA  A N9    1 
ATOM   48  C C8    . DA  A 1 3  ? 8.439   -5.539  -3.281  1.00 12.38 ? 3  DA  A C8    1 
ATOM   49  N N7    . DA  A 1 3  ? 8.807   -5.213  -2.017  1.00 19.49 ? 3  DA  A N7    1 
ATOM   50  C C5    . DA  A 1 3  ? 7.962   -5.987  -1.212  1.00 15.69 ? 3  DA  A C5    1 
ATOM   51  C C6    . DA  A 1 3  ? 7.840   -6.108  0.168   1.00 22.72 ? 3  DA  A C6    1 
ATOM   52  N N6    . DA  A 1 3  ? 8.531   -5.444  1.126   1.00 26.18 ? 3  DA  A N6    1 
ATOM   53  N N1    . DA  A 1 3  ? 6.838   -6.973  0.664   1.00 22.46 ? 3  DA  A N1    1 
ATOM   54  C C2    . DA  A 1 3  ? 6.083   -7.636  -0.256  1.00 22.13 ? 3  DA  A C2    1 
ATOM   55  N N3    . DA  A 1 3  ? 6.171   -7.576  -1.590  1.00 25.50 ? 3  DA  A N3    1 
ATOM   56  C C4    . DA  A 1 3  ? 7.130   -6.713  -1.999  1.00 16.14 ? 3  DA  A C4    1 
ATOM   57  P P     . DA  A 1 4  ? 4.211   -8.120  -7.711  1.00 39.92 ? 4  DA  A P     1 
ATOM   58  O OP1   . DA  A 1 4  ? 5.160   -9.003  -8.399  1.00 43.84 ? 4  DA  A OP1   1 
ATOM   59  O OP2   . DA  A 1 4  ? 4.226   -6.744  -8.354  1.00 41.88 ? 4  DA  A OP2   1 
ATOM   60  O "O5'" . DA  A 1 4  ? 2.824   -8.677  -7.240  1.00 32.91 ? 4  DA  A "O5'" 1 
ATOM   61  C "C5'" . DA  A 1 4  ? 2.591   -9.990  -6.771  1.00 36.20 ? 4  DA  A "C5'" 1 
ATOM   62  C "C4'" . DA  A 1 4  ? 1.855   -9.991  -5.451  1.00 28.97 ? 4  DA  A "C4'" 1 
ATOM   63  O "O4'" . DA  A 1 4  ? 2.515   -9.155  -4.524  1.00 36.81 ? 4  DA  A "O4'" 1 
ATOM   64  C "C3'" . DA  A 1 4  ? 0.479   -9.458  -5.396  1.00 31.17 ? 4  DA  A "C3'" 1 
ATOM   65  O "O3'" . DA  A 1 4  ? -0.276  -10.265 -4.511  1.00 39.18 ? 4  DA  A "O3'" 1 
ATOM   66  C "C2'" . DA  A 1 4  ? 0.699   -8.020  -4.822  1.00 32.81 ? 4  DA  A "C2'" 1 
ATOM   67  C "C1'" . DA  A 1 4  ? 1.649   -8.283  -3.672  1.00 23.64 ? 4  DA  A "C1'" 1 
ATOM   68  N N9    . DA  A 1 4  ? 2.466   -7.188  -3.184  1.00 18.26 ? 4  DA  A N9    1 
ATOM   69  C C8    . DA  A 1 4  ? 3.274   -6.402  -3.975  1.00 19.30 ? 4  DA  A C8    1 
ATOM   70  N N7    . DA  A 1 4  ? 3.967   -5.508  -3.299  1.00 24.32 ? 4  DA  A N7    1 
ATOM   71  C C5    . DA  A 1 4  ? 3.584   -5.713  -1.957  1.00 17.51 ? 4  DA  A C5    1 
ATOM   72  C C6    . DA  A 1 4  ? 3.992   -5.051  -0.825  1.00 19.97 ? 4  DA  A C6    1 
ATOM   73  N N6    . DA  A 1 4  ? 4.884   -4.023  -0.634  1.00 26.15 ? 4  DA  A N6    1 
ATOM   74  N N1    . DA  A 1 4  ? 3.492   -5.546  0.347   1.00 21.14 ? 4  DA  A N1    1 
ATOM   75  C C2    . DA  A 1 4  ? 2.579   -6.535  0.475   1.00 21.26 ? 4  DA  A C2    1 
ATOM   76  N N3    . DA  A 1 4  ? 2.163   -7.158  -0.751  1.00 26.06 ? 4  DA  A N3    1 
ATOM   77  C C4    . DA  A 1 4  ? 2.719   -6.738  -1.874  1.00 19.88 ? 4  DA  A C4    1 
ATOM   78  P P     . DC  A 1 5  ? -1.889  -10.374 -4.700  1.00 43.40 ? 5  DC  A P     1 
ATOM   79  O OP1   . DC  A 1 5  ? -1.955  -11.846 -4.950  1.00 45.99 ? 5  DC  A OP1   1 
ATOM   80  O OP2   . DC  A 1 5  ? -2.219  -9.528  -5.915  1.00 45.15 ? 5  DC  A OP2   1 
ATOM   81  O "O5'" . DC  A 1 5  ? -2.587  -9.977  -3.324  1.00 32.35 ? 5  DC  A "O5'" 1 
ATOM   82  C "C5'" . DC  A 1 5  ? -1.764  -9.201  -2.420  1.00 32.02 ? 5  DC  A "C5'" 1 
ATOM   83  C "C4'" . DC  A 1 5  ? -2.536  -8.799  -1.250  1.00 33.25 ? 5  DC  A "C4'" 1 
ATOM   84  O "O4'" . DC  A 1 5  ? -1.841  -7.754  -0.470  1.00 36.19 ? 5  DC  A "O4'" 1 
ATOM   85  C "C3'" . DC  A 1 5  ? -3.898  -8.139  -1.395  1.00 36.23 ? 5  DC  A "C3'" 1 
ATOM   86  O "O3'" . DC  A 1 5  ? -4.517  -8.064  -0.101  1.00 37.80 ? 5  DC  A "O3'" 1 
ATOM   87  C "C2'" . DC  A 1 5  ? -3.405  -6.770  -1.894  1.00 34.12 ? 5  DC  A "C2'" 1 
ATOM   88  C "C1'" . DC  A 1 5  ? -2.295  -6.506  -0.853  1.00 28.85 ? 5  DC  A "C1'" 1 
ATOM   89  N N1    . DC  A 1 5  ? -1.239  -5.583  -1.313  1.00 28.43 ? 5  DC  A N1    1 
ATOM   90  C C2    . DC  A 1 5  ? -0.480  -5.056  -0.289  1.00 32.17 ? 5  DC  A C2    1 
ATOM   91  O O2    . DC  A 1 5  ? -0.643  -5.352  0.941   1.00 38.07 ? 5  DC  A O2    1 
ATOM   92  N N3    . DC  A 1 5  ? 0.521   -4.113  -0.575  1.00 29.85 ? 5  DC  A N3    1 
ATOM   93  C C4    . DC  A 1 5  ? 0.735   -3.785  -1.874  1.00 26.24 ? 5  DC  A C4    1 
ATOM   94  N N4    . DC  A 1 5  ? 1.734   -2.875  -2.048  1.00 30.62 ? 5  DC  A N4    1 
ATOM   95  C C5    . DC  A 1 5  ? -0.015  -4.327  -2.922  1.00 22.92 ? 5  DC  A C5    1 
ATOM   96  C C6    . DC  A 1 5  ? -0.979  -5.190  -2.590  1.00 27.31 ? 5  DC  A C6    1 
ATOM   97  P P     . DG  A 1 6  ? -6.095  -8.076  -0.079  1.00 47.49 ? 6  DG  A P     1 
ATOM   98  O OP1   . DG  A 1 6  ? -6.136  -9.455  0.327   1.00 44.13 ? 6  DG  A OP1   1 
ATOM   99  O OP2   . DG  A 1 6  ? -6.637  -7.637  -1.401  1.00 36.79 ? 6  DG  A OP2   1 
ATOM   100 O "O5'" . DG  A 1 6  ? -6.331  -7.023  1.132   1.00 42.71 ? 6  DG  A "O5'" 1 
ATOM   101 C "C5'" . DG  A 1 6  ? -5.590  -7.465  2.320   1.00 45.50 ? 6  DG  A "C5'" 1 
ATOM   102 C "C4'" . DG  A 1 6  ? -5.296  -6.234  3.105   1.00 41.84 ? 6  DG  A "C4'" 1 
ATOM   103 O "O4'" . DG  A 1 6  ? -4.404  -5.381  2.475   1.00 51.05 ? 6  DG  A "O4'" 1 
ATOM   104 C "C3'" . DG  A 1 6  ? -6.520  -5.342  3.378   1.00 49.18 ? 6  DG  A "C3'" 1 
ATOM   105 O "O3'" . DG  A 1 6  ? -6.315  -4.844  4.722   1.00 48.23 ? 6  DG  A "O3'" 1 
ATOM   106 C "C2'" . DG  A 1 6  ? -6.448  -4.292  2.269   1.00 45.13 ? 6  DG  A "C2'" 1 
ATOM   107 C "C1'" . DG  A 1 6  ? -4.966  -3.992  2.337   1.00 41.38 ? 6  DG  A "C1'" 1 
ATOM   108 N N9    . DG  A 1 6  ? -4.374  -3.421  1.127   1.00 32.53 ? 6  DG  A N9    1 
ATOM   109 C C8    . DG  A 1 6  ? -4.693  -3.764  -0.175  1.00 28.60 ? 6  DG  A C8    1 
ATOM   110 N N7    . DG  A 1 6  ? -3.945  -3.133  -1.047  1.00 31.63 ? 6  DG  A N7    1 
ATOM   111 C C5    . DG  A 1 6  ? -3.093  -2.331  -0.274  1.00 27.26 ? 6  DG  A C5    1 
ATOM   112 C C6    . DG  A 1 6  ? -2.105  -1.410  -0.647  1.00 32.05 ? 6  DG  A C6    1 
ATOM   113 O O6    . DG  A 1 6  ? -1.745  -1.105  -1.818  1.00 35.88 ? 6  DG  A O6    1 
ATOM   114 N N1    . DG  A 1 6  ? -1.443  -0.730  0.385   1.00 27.53 ? 6  DG  A N1    1 
ATOM   115 C C2    . DG  A 1 6  ? -1.791  -1.044  1.679   1.00 27.97 ? 6  DG  A C2    1 
ATOM   116 N N2    . DG  A 1 6  ? -1.023  -0.317  2.527   1.00 31.57 ? 6  DG  A N2    1 
ATOM   117 N N3    . DG  A 1 6  ? -2.724  -1.898  2.097   1.00 34.59 ? 6  DG  A N3    1 
ATOM   118 C C4    . DG  A 1 6  ? -3.343  -2.502  1.052   1.00 30.29 ? 6  DG  A C4    1 
ATOM   119 P P     . DT  A 1 7  ? -7.461  -4.022  5.462   1.00 54.18 ? 7  DT  A P     1 
ATOM   120 O OP1   . DT  A 1 7  ? -8.201  -4.958  6.368   1.00 42.44 ? 7  DT  A OP1   1 
ATOM   121 O OP2   . DT  A 1 7  ? -8.339  -3.427  4.359   1.00 48.92 ? 7  DT  A OP2   1 
ATOM   122 O "O5'" . DT  A 1 7  ? -6.599  -2.882  6.229   1.00 49.75 ? 7  DT  A "O5'" 1 
ATOM   123 C "C5'" . DT  A 1 7  ? -5.310  -2.424  5.847   1.00 45.73 ? 7  DT  A "C5'" 1 
ATOM   124 C "C4'" . DT  A 1 7  ? -4.966  -1.090  6.405   1.00 43.92 ? 7  DT  A "C4'" 1 
ATOM   125 O "O4'" . DT  A 1 7  ? -4.308  -0.140  5.537   1.00 40.40 ? 7  DT  A "O4'" 1 
ATOM   126 C "C3'" . DT  A 1 7  ? -6.186  -0.211  6.856   1.00 43.96 ? 7  DT  A "C3'" 1 
ATOM   127 O "O3'" . DT  A 1 7  ? -5.667  0.672   7.837   1.00 49.61 ? 7  DT  A "O3'" 1 
ATOM   128 C "C2'" . DT  A 1 7  ? -6.605  0.250   5.486   1.00 42.58 ? 7  DT  A "C2'" 1 
ATOM   129 C "C1'" . DT  A 1 7  ? -5.232  0.618   4.755   1.00 37.24 ? 7  DT  A "C1'" 1 
ATOM   130 N N1    . DT  A 1 7  ? -5.359  0.490   3.303   1.00 32.29 ? 7  DT  A N1    1 
ATOM   131 C C2    . DT  A 1 7  ? -4.609  1.368   2.527   1.00 32.61 ? 7  DT  A C2    1 
ATOM   132 O O2    . DT  A 1 7  ? -3.734  2.240   2.888   1.00 34.47 ? 7  DT  A O2    1 
ATOM   133 N N3    . DT  A 1 7  ? -4.708  1.287   1.149   1.00 31.66 ? 7  DT  A N3    1 
ATOM   134 C C4    . DT  A 1 7  ? -5.560  0.394   0.531   1.00 30.60 ? 7  DT  A C4    1 
ATOM   135 O O4    . DT  A 1 7  ? -5.468  0.434   -0.783  1.00 33.46 ? 7  DT  A O4    1 
ATOM   136 C C5    . DT  A 1 7  ? -6.312  -0.456  1.316   1.00 27.78 ? 7  DT  A C5    1 
ATOM   137 C C7    . DT  A 1 7  ? -7.227  -1.449  0.668   1.00 35.36 ? 7  DT  A C7    1 
ATOM   138 C C6    . DT  A 1 7  ? -6.186  -0.382  2.629   1.00 31.39 ? 7  DT  A C6    1 
ATOM   139 P P     . DT  A 1 8  ? -6.267  1.861   8.665   1.00 56.87 ? 8  DT  A P     1 
ATOM   140 O OP1   . DT  A 1 8  ? -5.715  1.910   10.075  1.00 54.78 ? 8  DT  A OP1   1 
ATOM   141 O OP2   . DT  A 1 8  ? -7.793  1.771   8.668   1.00 51.07 ? 8  DT  A OP2   1 
ATOM   142 O "O5'" . DT  A 1 8  ? -5.571  3.135   7.977   1.00 51.90 ? 8  DT  A "O5'" 1 
ATOM   143 C "C5'" . DT  A 1 8  ? -4.142  3.072   7.690   1.00 48.00 ? 8  DT  A "C5'" 1 
ATOM   144 C "C4'" . DT  A 1 8  ? -3.681  4.373   7.150   1.00 50.13 ? 8  DT  A "C4'" 1 
ATOM   145 O "O4'" . DT  A 1 8  ? -3.760  4.636   5.741   1.00 51.35 ? 8  DT  A "O4'" 1 
ATOM   146 C "C3'" . DT  A 1 8  ? -4.487  5.604   7.696   1.00 51.96 ? 8  DT  A "C3'" 1 
ATOM   147 O "O3'" . DT  A 1 8  ? -3.517  6.661   7.663   1.00 53.47 ? 8  DT  A "O3'" 1 
ATOM   148 C "C2'" . DT  A 1 8  ? -5.706  5.562   6.746   1.00 47.16 ? 8  DT  A "C2'" 1 
ATOM   149 C "C1'" . DT  A 1 8  ? -5.003  5.416   5.416   1.00 42.25 ? 8  DT  A "C1'" 1 
ATOM   150 N N1    . DT  A 1 8  ? -5.706  4.819   4.271   1.00 35.86 ? 8  DT  A N1    1 
ATOM   151 C C2    . DT  A 1 8  ? -5.064  5.028   3.038   1.00 38.04 ? 8  DT  A C2    1 
ATOM   152 O O2    . DT  A 1 8  ? -3.989  5.715   3.009   1.00 37.94 ? 8  DT  A O2    1 
ATOM   153 N N3    . DT  A 1 8  ? -5.626  4.479   1.859   1.00 37.35 ? 8  DT  A N3    1 
ATOM   154 C C4    . DT  A 1 8  ? -6.772  3.742   1.958   1.00 37.57 ? 8  DT  A C4    1 
ATOM   155 O O4    . DT  A 1 8  ? -7.228  3.272   0.829   1.00 32.74 ? 8  DT  A O4    1 
ATOM   156 C C5    . DT  A 1 8  ? -7.400  3.518   3.243   1.00 33.68 ? 8  DT  A C5    1 
ATOM   157 C C7    . DT  A 1 8  ? -8.655  2.711   3.306   1.00 31.61 ? 8  DT  A C7    1 
ATOM   158 C C6    . DT  A 1 8  ? -6.840  4.070   4.300   1.00 32.31 ? 8  DT  A C6    1 
ATOM   159 P P     . DG  A 1 9  ? -4.017  8.227   7.569   1.00 53.46 ? 9  DG  A P     1 
ATOM   160 O OP1   . DG  A 1 9  ? -2.814  9.026   7.679   1.00 46.73 ? 9  DG  A OP1   1 
ATOM   161 O OP2   . DG  A 1 9  ? -5.269  8.267   8.379   1.00 49.54 ? 9  DG  A OP2   1 
ATOM   162 O "O5'" . DG  A 1 9  ? -4.464  8.197   5.951   1.00 58.18 ? 9  DG  A "O5'" 1 
ATOM   163 C "C5'" . DG  A 1 9  ? -3.261  7.886   5.189   1.00 54.77 ? 9  DG  A "C5'" 1 
ATOM   164 C "C4'" . DG  A 1 9  ? -2.767  9.208   4.697   1.00 49.88 ? 9  DG  A "C4'" 1 
ATOM   165 O "O4'" . DG  A 1 9  ? -3.301  9.173   3.353   1.00 46.48 ? 9  DG  A "O4'" 1 
ATOM   166 C "C3'" . DG  A 1 9  ? -3.221  10.562  5.190   1.00 45.29 ? 9  DG  A "C3'" 1 
ATOM   167 O "O3'" . DG  A 1 9  ? -2.445  11.533  4.530   1.00 48.11 ? 9  DG  A "O3'" 1 
ATOM   168 C "C2'" . DG  A 1 9  ? -4.681  10.562  4.720   1.00 40.31 ? 9  DG  A "C2'" 1 
ATOM   169 C "C1'" . DG  A 1 9  ? -4.469  9.942   3.374   1.00 35.58 ? 9  DG  A "C1'" 1 
ATOM   170 N N9    . DG  A 1 9  ? -5.553  9.006   3.037   1.00 29.39 ? 9  DG  A N9    1 
ATOM   171 C C8    . DG  A 1 9  ? -6.472  8.416   3.773   1.00 27.62 ? 9  DG  A C8    1 
ATOM   172 N N7    . DG  A 1 9  ? -7.320  7.718   3.083   1.00 36.11 ? 9  DG  A N7    1 
ATOM   173 C C5    . DG  A 1 9  ? -6.908  7.877   1.753   1.00 31.04 ? 9  DG  A C5    1 
ATOM   174 C C6    . DG  A 1 9  ? -7.437  7.351   0.560   1.00 34.01 ? 9  DG  A C6    1 
ATOM   175 O O6    . DG  A 1 9  ? -8.392  6.566   0.362   1.00 42.59 ? 9  DG  A O6    1 
ATOM   176 N N1    . DG  A 1 9  ? -6.753  7.708   -0.590  1.00 33.65 ? 9  DG  A N1    1 
ATOM   177 C C2    . DG  A 1 9  ? -5.643  8.540   -0.513  1.00 27.36 ? 9  DG  A C2    1 
ATOM   178 N N2    . DG  A 1 9  ? -5.224  8.678   -1.754  1.00 26.32 ? 9  DG  A N2    1 
ATOM   179 N N3    . DG  A 1 9  ? -5.132  9.033   0.563   1.00 29.59 ? 9  DG  A N3    1 
ATOM   180 C C4    . DG  A 1 9  ? -5.799  8.665   1.692   1.00 31.30 ? 9  DG  A C4    1 
ATOM   181 P P     . DG  A 1 10 ? -2.654  13.008  3.987   1.00 56.44 ? 10 DG  A P     1 
ATOM   182 O OP1   . DG  A 1 10 ? -1.237  13.475  3.691   1.00 49.58 ? 10 DG  A OP1   1 
ATOM   183 O OP2   . DG  A 1 10 ? -3.342  13.898  5.017   1.00 48.34 ? 10 DG  A OP2   1 
ATOM   184 O "O5'" . DG  A 1 10 ? -3.494  12.766  2.601   1.00 48.16 ? 10 DG  A "O5'" 1 
ATOM   185 C "C5'" . DG  A 1 10 ? -2.686  13.089  1.371   1.00 35.92 ? 10 DG  A "C5'" 1 
ATOM   186 C "C4'" . DG  A 1 10 ? -3.504  13.120  0.125   1.00 24.13 ? 10 DG  A "C4'" 1 
ATOM   187 O "O4'" . DG  A 1 10 ? -4.587  12.247  0.204   1.00 27.18 ? 10 DG  A "O4'" 1 
ATOM   188 C "C3'" . DG  A 1 10 ? -4.168  14.447  -0.249  1.00 27.41 ? 10 DG  A "C3'" 1 
ATOM   189 O "O3'" . DG  A 1 10 ? -4.088  14.686  -1.636  1.00 37.64 ? 10 DG  A "O3'" 1 
ATOM   190 C "C2'" . DG  A 1 10 ? -5.600  14.167  0.266   1.00 24.85 ? 10 DG  A "C2'" 1 
ATOM   191 C "C1'" . DG  A 1 10 ? -5.805  12.863  -0.387  1.00 22.81 ? 10 DG  A "C1'" 1 
ATOM   192 N N9    . DG  A 1 10 ? -6.878  12.029  0.091   1.00 18.91 ? 10 DG  A N9    1 
ATOM   193 C C8    . DG  A 1 10 ? -7.107  11.761  1.429   1.00 25.83 ? 10 DG  A C8    1 
ATOM   194 N N7    . DG  A 1 10 ? -8.088  10.923  1.669   1.00 26.02 ? 10 DG  A N7    1 
ATOM   195 C C5    . DG  A 1 10 ? -8.499  10.590  0.365   1.00 23.00 ? 10 DG  A C5    1 
ATOM   196 C C6    . DG  A 1 10 ? -9.538  9.714   -0.083  1.00 25.72 ? 10 DG  A C6    1 
ATOM   197 O O6    . DG  A 1 10 ? -10.236 9.123   0.741   1.00 29.96 ? 10 DG  A O6    1 
ATOM   198 N N1    . DG  A 1 10 ? -9.702  9.625   -1.419  1.00 20.19 ? 10 DG  A N1    1 
ATOM   199 C C2    . DG  A 1 10 ? -8.872  10.336  -2.273  1.00 24.47 ? 10 DG  A C2    1 
ATOM   200 N N2    . DG  A 1 10 ? -9.170  10.166  -3.614  1.00 25.76 ? 10 DG  A N2    1 
ATOM   201 N N3    . DG  A 1 10 ? -7.877  11.170  -1.925  1.00 23.55 ? 10 DG  A N3    1 
ATOM   202 C C4    . DG  A 1 10 ? -7.750  11.244  -0.596  1.00 24.17 ? 10 DG  A C4    1 
HETATM 203 C C1    . ANT B 2 .  ? -2.561  8.377   -0.836  1.00 27.98 ? 11 ANT A C1    1 
HETATM 204 C C2    . ANT B 2 .  ? -1.304  9.120   -0.357  1.00 31.41 ? 11 ANT A C2    1 
HETATM 205 C C3    . ANT B 2 .  ? -1.134  10.263  -1.053  1.00 31.78 ? 11 ANT A C3    1 
HETATM 206 N N4    . ANT B 2 .  ? -2.083  10.379  -2.131  1.00 25.44 ? 11 ANT A N4    1 
HETATM 207 C C5    . ANT B 2 .  ? -1.728  11.101  -3.231  1.00 19.68 ? 11 ANT A C5    1 
HETATM 208 O O5    . ANT B 2 .  ? -0.798  11.943  -3.039  1.00 23.16 ? 11 ANT A O5    1 
HETATM 209 C C5A   . ANT B 2 .  ? -2.603  11.070  -4.436  1.00 23.26 ? 11 ANT A C5A   1 
HETATM 210 C C6    . ANT B 2 .  ? -2.022  11.494  -5.668  1.00 29.82 ? 11 ANT A C6    1 
HETATM 211 C C7    . ANT B 2 .  ? -2.718  11.515  -6.904  1.00 24.21 ? 11 ANT A C7    1 
HETATM 212 C C8    . ANT B 2 .  ? -4.098  11.100  -6.906  1.00 19.10 ? 11 ANT A C8    1 
HETATM 213 C C8M   . ANT B 2 .  ? -4.847  11.104  -8.234  1.00 22.26 ? 11 ANT A C8M   1 
HETATM 214 C C9    . ANT B 2 .  ? -4.711  10.706  -5.762  1.00 21.51 ? 11 ANT A C9    1 
HETATM 215 C C9A   . ANT B 2 .  ? -3.978  10.659  -4.506  1.00 25.79 ? 11 ANT A C9A   1 
HETATM 216 O O9    . ANT B 2 .  ? -6.025  10.297  -5.750  1.00 25.05 ? 11 ANT A O9    1 
HETATM 217 N N10   . ANT B 2 .  ? -4.625  10.243  -3.405  1.00 29.02 ? 11 ANT A N10   1 
HETATM 218 C C11   . ANT B 2 .  ? -4.273  9.447   -2.301  1.00 27.55 ? 11 ANT A C11   1 
HETATM 219 C C4A   . ANT B 2 .  ? -2.825  9.044   -2.225  1.00 26.16 ? 11 ANT A C4A   1 
HETATM 220 C C12   . ANT B 2 .  ? -0.691  9.003   1.007   1.00 34.66 ? 11 ANT A C12   1 
HETATM 221 C C13   . ANT B 2 .  ? -1.323  8.141   1.862   1.00 42.45 ? 11 ANT A C13   1 
HETATM 222 C C14   . ANT B 2 .  ? -0.726  7.714   3.150   1.00 45.63 ? 11 ANT A C14   1 
HETATM 223 O O14   . ANT B 2 .  ? 0.154   8.429   3.732   1.00 41.96 ? 11 ANT A O14   1 
HETATM 224 N N15   . ANT B 2 .  ? -1.337  6.559   3.562   1.00 42.83 ? 11 ANT A N15   1 
HETATM 225 O O     . HOH C 3 .  ? -3.492  -3.481  -4.946  1.00 49.64 ? 12 HOH A O     1 
HETATM 226 O O     . HOH C 3 .  ? 4.580   -5.909  -10.801 1.00 39.47 ? 13 HOH A O     1 
HETATM 227 O O     . HOH C 3 .  ? -11.642 2.751   -8.424  1.00 44.80 ? 14 HOH A O     1 
HETATM 228 O O     . HOH C 3 .  ? -11.922 2.378   -3.858  1.00 48.62 ? 15 HOH A O     1 
HETATM 229 O O     . HOH C 3 .  ? -9.571  4.090   7.626   1.00 51.10 ? 16 HOH A O     1 
HETATM 230 O O     . HOH C 3 .  ? -6.425  6.447   11.605  1.00 50.94 ? 17 HOH A O     1 
HETATM 231 O O     . HOH C 3 .  ? -1.650  16.339  6.055   1.00 34.79 ? 18 HOH A O     1 
HETATM 232 O O     . HOH C 3 .  ? 7.242   -2.239  -8.501  1.00 38.26 ? 19 HOH A O     1 
HETATM 233 O O     . HOH C 3 .  ? -15.615 3.148   -1.136  1.00 51.83 ? 20 HOH A O     1 
HETATM 234 O O     . HOH C 3 .  ? -4.272  17.506  5.806   1.00 59.00 ? 21 HOH A O     1 
HETATM 235 O O     . HOH C 3 .  ? 0.589   2.385   6.166   1.00 48.46 ? 22 HOH A O     1 
HETATM 236 O O     . HOH C 3 .  ? -2.486  -3.398  -11.134 1.00 43.04 ? 23 HOH A O     1 
HETATM 237 O O     . HOH C 3 .  ? 1.084   -4.335  -13.181 1.00 51.47 ? 24 HOH A O     1 
HETATM 238 O O     . HOH C 3 .  ? 5.716   -2.127  -4.380  1.00 45.25 ? 25 HOH A O     1 
HETATM 239 O O     . HOH C 3 .  ? -6.006  14.577  4.527   1.00 38.90 ? 26 HOH A O     1 
HETATM 240 O O     . HOH C 3 .  ? 0.052   0.825   8.481   1.00 57.68 ? 27 HOH A O     1 
HETATM 241 O O     . HOH C 3 .  ? -0.956  -1.173  5.916   0.50 28.61 ? 28 HOH A O     1 
HETATM 242 O O     . HOH C 3 .  ? 1.205   12.334  4.109   1.00 51.68 ? 29 HOH A O     1 
HETATM 243 O O     . HOH C 3 .  ? -9.869  0.261   -1.651  1.00 60.06 ? 30 HOH A O     1 
HETATM 244 O O     . HOH C 3 .  ? 4.926   -2.054  -7.175  1.00 50.41 ? 31 HOH A O     1 
HETATM 245 O O     . HOH C 3 .  ? -0.569  5.379   6.202   1.00 56.85 ? 32 HOH A O     1 
HETATM 246 O O     . HOH C 3 .  ? -3.911  13.505  7.913   1.00 39.24 ? 33 HOH A O     1 
# 
